data_9G2L
#
_entry.id   9G2L
#
_cell.length_a   1.00
_cell.length_b   1.00
_cell.length_c   1.00
_cell.angle_alpha   90.00
_cell.angle_beta   90.00
_cell.angle_gamma   90.00
#
_symmetry.space_group_name_H-M   'P 1'
#
loop_
_entity.id
_entity.type
_entity.pdbx_description
1 polymer 'Mycobactin import ATP-binding/permease protein IrtA'
2 polymer 'Mycobactin import ATP-binding/permease protein IrtB'
3 non-polymer 'ZINC ION'
#
loop_
_entity_poly.entity_id
_entity_poly.type
_entity_poly.pdbx_seq_one_letter_code
_entity_poly.pdbx_strand_id
1 'polypeptide(L)'
;SLRGLGARDHQATVVDKEYIAPHFVRVRLVSPTLFDEVIVEPTSWLRFWFPDPDGSDTEFQRAYTITESDPETGRFAVDM
VLHEPAGPASTWARTVEPGATIAVMSMGSRGFSVPEDPEDRPVGYLLIGDSASTPAINGIIEVVPHDIPIELYLEQHHDD
DVLIPLAEHPRLRVHRVSRDDASSLAAALELRDWSNWYCWAGPEAGALKQVRTRLRDEFGFPKREVYAQAYWTEGRAMGS
SRGETSTPAKPAAKTAPAKAAAKPAAASGAGTPEHAAAPAAATTGAPQAAPAPGAAQPRTPVRGRWRAEAGSRLLAPLKK
PLIVSGVLQALITLIELAPFVLLVELARLLLGGAEAERLWTLGLTAVSLIGLGAVLAAAMTLWLHRVDARFAHELRGRLL
TKLSRLPLGWFTRRGSASTKQLVQDDTLALHYLITHAIPDAVAAVVAPVAVLVYLFVADWRVALVLFIPVLVYLVLMSVM
TIQSGSKIAQAPRWAERMGGEAGAFLEGQPVIRIFGGAAASRFRRRLDDYIDFLVSWQRPFVGKKTLMDLVTRPATFLWI
ILVAGVPLVVTGRMDPVNLLPFLLLGTTFGARLLGIGYGLSGIQTGMLAARRIQTVLDEPELVVRDRTGQAGTDHASGDQ
ARPGTVELDRVSFEYRPGVPVIRDVTLTLRPGTVTALVGPSGSGKSTLAALVARFHDVTQGAIRVDGRDIRTLTADELYR
RVGFVLQDAQLVHGSVAENIALAEPDAGLERIRTAARDAQIHDRITRMPDGYDSVLGAGSALSGGERQRVTIARAILADT
PVLVLDEATAFADPESEYLVQQAINRLTRDRTVLVIAHRLHTITHADQIVVLDDGRIVEVGTHDELLAAGGRYRGLWDSG
RYSSPDAGRPVSADAVEVGR
;
A
2 'polypeptide(L)'
;MIRTLLRLVPAEKRGAVAGYAVLTLLSVLLRAVGAVLLIPLLAALFSDTPSDAWLWLGWLTAVTLAGWVTDTNTARLGFD
LGFAVLSRTQHDMADRLPNVAMSWFTPDNTATARQAIAATGPELAGLVVNLLTPLIGAALLPAAIGVALLFVSVPLGLAA
LAGVAVLFGALALSGRLSRAADKVAGETNSAFTERIIEFARTQQALRAARRVEPARSQVGSALAAQHGAGLRLLTMQIPG
QVLFSLAGQVALIGFAGMAVWLTVRGQLGVPEAIALIVVLVRYLEPFAAIADLAPALETTRATLNRIQAVLDAPTLPAGR
RRLDRTGAAPSIEFDDVRFSYGDEVVLDGVSFTLRPGNTTAIVGPSGSGKTTILSLIAGLQQPASGRVLLDGVDVTTLDP
EARRAAVSVVFQHPYLFDGTLRDNVLVGDPEADPDDVTAAMRLARVDELLDRLPDGDATVVGEGGTALSGGERQRVSIAR
ALLKPAPVLLVDEATSALDNANEAAVVDALTADPRPRTRVIVAHRLASIRHADRVLFVEAGRVVEDGAIDELLAAGGRFA
QFWAQQQAASEWAIGSTARALEVLFQ
;
B
#
loop_
_chem_comp.id
_chem_comp.type
_chem_comp.name
_chem_comp.formula
ZN non-polymer 'ZINC ION' 'Zn 2'
#
# COMPACT_ATOMS: atom_id res chain seq x y z
N ALA A 308 -24.97 4.23 1.59
CA ALA A 308 -25.16 3.21 2.67
C ALA A 308 -25.92 2.00 2.12
N GLU A 309 -27.00 2.26 1.37
CA GLU A 309 -27.75 1.18 0.76
C GLU A 309 -27.02 0.54 -0.41
N ALA A 310 -25.94 1.16 -0.90
CA ALA A 310 -25.27 0.67 -2.10
C ALA A 310 -24.68 -0.72 -1.88
N GLY A 311 -24.06 -0.94 -0.71
CA GLY A 311 -23.45 -2.23 -0.45
C GLY A 311 -24.46 -3.36 -0.42
N SER A 312 -25.58 -3.14 0.28
CA SER A 312 -26.63 -4.15 0.30
C SER A 312 -27.29 -4.29 -1.06
N ARG A 313 -27.29 -3.22 -1.86
CA ARG A 313 -27.96 -3.27 -3.15
C ARG A 313 -27.13 -4.03 -4.18
N LEU A 314 -25.81 -4.04 -4.03
CA LEU A 314 -24.98 -4.85 -4.92
C LEU A 314 -25.27 -6.34 -4.74
N LEU A 315 -25.41 -6.77 -3.49
CA LEU A 315 -25.62 -8.18 -3.16
C LEU A 315 -27.10 -8.59 -3.20
N ALA A 316 -27.96 -7.80 -3.83
CA ALA A 316 -29.37 -8.11 -3.95
C ALA A 316 -29.64 -9.47 -4.60
N PRO A 317 -29.03 -9.81 -5.74
CA PRO A 317 -29.34 -11.12 -6.34
C PRO A 317 -28.89 -12.30 -5.49
N LEU A 318 -27.91 -12.11 -4.62
CA LEU A 318 -27.39 -13.19 -3.77
C LEU A 318 -28.10 -13.28 -2.43
N LYS A 319 -29.32 -12.77 -2.30
CA LYS A 319 -30.03 -12.89 -1.03
C LYS A 319 -30.38 -14.34 -0.74
N LYS A 320 -30.94 -15.04 -1.73
CA LYS A 320 -31.39 -16.42 -1.48
C LYS A 320 -30.23 -17.38 -1.35
N PRO A 321 -29.20 -17.36 -2.21
CA PRO A 321 -28.02 -18.21 -1.95
C PRO A 321 -27.36 -17.93 -0.62
N LEU A 322 -27.28 -16.67 -0.21
CA LEU A 322 -26.64 -16.37 1.07
C LEU A 322 -27.50 -16.85 2.24
N ILE A 323 -28.83 -16.75 2.13
CA ILE A 323 -29.69 -17.28 3.19
C ILE A 323 -29.55 -18.79 3.29
N VAL A 324 -29.49 -19.47 2.14
CA VAL A 324 -29.32 -20.92 2.17
C VAL A 324 -27.97 -21.28 2.76
N SER A 325 -26.93 -20.51 2.42
CA SER A 325 -25.60 -20.74 3.00
C SER A 325 -25.62 -20.54 4.51
N GLY A 326 -26.32 -19.51 4.98
CA GLY A 326 -26.42 -19.31 6.41
C GLY A 326 -27.14 -20.46 7.11
N VAL A 327 -28.22 -20.96 6.50
CA VAL A 327 -28.94 -22.09 7.11
C VAL A 327 -28.05 -23.33 7.14
N LEU A 328 -27.34 -23.61 6.04
CA LEU A 328 -26.47 -24.77 6.00
C LEU A 328 -25.33 -24.62 7.01
N GLN A 329 -24.80 -23.41 7.17
CA GLN A 329 -23.74 -23.21 8.15
C GLN A 329 -24.26 -23.38 9.58
N ALA A 330 -25.48 -22.92 9.86
CA ALA A 330 -26.06 -23.15 11.18
C ALA A 330 -26.19 -24.64 11.45
N LEU A 331 -26.67 -25.39 10.46
CA LEU A 331 -26.80 -26.83 10.62
C LEU A 331 -25.45 -27.49 10.83
N ILE A 332 -24.43 -27.07 10.07
CA ILE A 332 -23.10 -27.66 10.19
C ILE A 332 -22.51 -27.35 11.56
N THR A 333 -22.68 -26.12 12.03
CA THR A 333 -22.15 -25.74 13.34
C THR A 333 -22.84 -26.53 14.45
N LEU A 334 -24.15 -26.72 14.35
CA LEU A 334 -24.84 -27.52 15.35
C LEU A 334 -24.41 -28.98 15.28
N ILE A 335 -24.06 -29.46 14.08
CA ILE A 335 -23.54 -30.83 13.97
C ILE A 335 -22.17 -30.93 14.62
N GLU A 336 -21.34 -29.89 14.49
CA GLU A 336 -20.01 -29.93 15.09
C GLU A 336 -20.08 -29.98 16.61
N LEU A 337 -21.13 -29.41 17.20
CA LEU A 337 -21.36 -29.54 18.64
C LEU A 337 -22.10 -30.81 19.02
N ALA A 338 -22.50 -31.62 18.05
CA ALA A 338 -23.19 -32.88 18.36
C ALA A 338 -22.36 -33.83 19.22
N PRO A 339 -21.07 -34.09 18.94
CA PRO A 339 -20.36 -35.08 19.76
C PRO A 339 -20.29 -34.73 21.24
N PHE A 340 -20.36 -33.45 21.63
CA PHE A 340 -20.41 -33.15 23.06
C PHE A 340 -21.73 -33.60 23.69
N VAL A 341 -22.84 -33.38 23.00
CA VAL A 341 -24.12 -33.89 23.49
C VAL A 341 -24.09 -35.41 23.54
N LEU A 342 -23.49 -36.04 22.54
CA LEU A 342 -23.41 -37.50 22.54
C LEU A 342 -22.51 -38.01 23.64
N LEU A 343 -21.46 -37.27 24.00
CA LEU A 343 -20.63 -37.66 25.13
C LEU A 343 -21.38 -37.52 26.44
N VAL A 344 -22.20 -36.48 26.57
CA VAL A 344 -23.04 -36.35 27.76
C VAL A 344 -23.98 -37.54 27.88
N GLU A 345 -24.63 -37.91 26.77
CA GLU A 345 -25.52 -39.06 26.81
C GLU A 345 -24.74 -40.36 27.03
N LEU A 346 -23.50 -40.42 26.54
CA LEU A 346 -22.66 -41.58 26.80
C LEU A 346 -22.39 -41.74 28.29
N ALA A 347 -22.07 -40.63 28.97
CA ALA A 347 -21.93 -40.69 30.42
C ALA A 347 -23.24 -41.08 31.08
N ARG A 348 -24.36 -40.55 30.56
CA ARG A 348 -25.68 -40.85 31.12
C ARG A 348 -25.94 -42.34 31.12
N LEU A 349 -25.71 -43.01 29.99
CA LEU A 349 -25.99 -44.44 29.89
C LEU A 349 -24.82 -45.32 30.34
N LEU A 350 -23.64 -44.74 30.59
CA LEU A 350 -22.59 -45.49 31.26
C LEU A 350 -22.87 -45.61 32.75
N LEU A 351 -23.29 -44.50 33.38
CA LEU A 351 -23.63 -44.57 34.79
C LEU A 351 -24.88 -45.42 35.03
N GLY A 352 -25.74 -45.56 34.03
CA GLY A 352 -26.90 -46.42 34.11
C GLY A 352 -26.65 -47.88 33.81
N GLY A 353 -25.40 -48.27 33.53
CA GLY A 353 -25.10 -49.66 33.25
C GLY A 353 -25.73 -50.20 31.99
N ALA A 354 -25.69 -49.42 30.90
CA ALA A 354 -26.28 -49.87 29.64
C ALA A 354 -25.42 -50.95 29.00
N GLU A 355 -26.07 -51.78 28.20
CA GLU A 355 -25.37 -52.87 27.51
C GLU A 355 -24.41 -52.29 26.47
N ALA A 356 -23.39 -53.08 26.14
CA ALA A 356 -22.37 -52.62 25.19
C ALA A 356 -22.95 -52.35 23.82
N GLU A 357 -24.07 -53.01 23.47
CA GLU A 357 -24.69 -52.78 22.17
C GLU A 357 -25.18 -51.34 22.04
N ARG A 358 -25.76 -50.79 23.11
CA ARG A 358 -26.24 -49.42 23.06
C ARG A 358 -25.09 -48.43 22.94
N LEU A 359 -23.98 -48.70 23.64
CA LEU A 359 -22.80 -47.85 23.51
C LEU A 359 -22.24 -47.91 22.09
N TRP A 360 -22.25 -49.11 21.48
CA TRP A 360 -21.81 -49.23 20.09
C TRP A 360 -22.71 -48.45 19.15
N THR A 361 -24.02 -48.51 19.37
CA THR A 361 -24.95 -47.73 18.55
C THR A 361 -24.69 -46.24 18.71
N LEU A 362 -24.42 -45.79 19.93
CA LEU A 362 -24.12 -44.38 20.14
C LEU A 362 -22.84 -43.96 19.43
N GLY A 363 -21.81 -44.81 19.47
CA GLY A 363 -20.60 -44.52 18.74
C GLY A 363 -20.84 -44.47 17.24
N LEU A 364 -21.67 -45.37 16.73
CA LEU A 364 -22.05 -45.35 15.32
C LEU A 364 -22.75 -44.04 14.97
N THR A 365 -23.66 -43.59 15.84
CA THR A 365 -24.35 -42.32 15.60
C THR A 365 -23.36 -41.16 15.57
N ALA A 366 -22.39 -41.16 16.49
CA ALA A 366 -21.41 -40.08 16.51
C ALA A 366 -20.55 -40.08 15.25
N VAL A 367 -20.12 -41.25 14.80
CA VAL A 367 -19.32 -41.32 13.58
C VAL A 367 -20.15 -40.86 12.38
N SER A 368 -21.42 -41.27 12.32
CA SER A 368 -22.28 -40.85 11.22
C SER A 368 -22.48 -39.34 11.23
N LEU A 369 -22.64 -38.74 12.42
CA LEU A 369 -22.81 -37.28 12.47
C LEU A 369 -21.53 -36.57 12.08
N ILE A 370 -20.36 -37.11 12.46
CA ILE A 370 -19.11 -36.50 12.05
C ILE A 370 -18.98 -36.53 10.53
N GLY A 371 -19.26 -37.68 9.93
CA GLY A 371 -19.20 -37.79 8.48
C GLY A 371 -20.20 -36.87 7.79
N LEU A 372 -21.42 -36.79 8.35
CA LEU A 372 -22.44 -35.94 7.76
C LEU A 372 -22.04 -34.47 7.84
N GLY A 373 -21.47 -34.05 8.97
CA GLY A 373 -21.01 -32.68 9.08
C GLY A 373 -19.90 -32.36 8.10
N ALA A 374 -18.95 -33.29 7.95
CA ALA A 374 -17.86 -33.07 6.99
C ALA A 374 -18.40 -32.97 5.57
N VAL A 375 -19.31 -33.87 5.20
CA VAL A 375 -19.85 -33.87 3.85
C VAL A 375 -20.66 -32.60 3.60
N LEU A 376 -21.46 -32.18 4.59
CA LEU A 376 -22.23 -30.96 4.44
C LEU A 376 -21.32 -29.75 4.28
N ALA A 377 -20.24 -29.69 5.06
CA ALA A 377 -19.31 -28.57 4.93
C ALA A 377 -18.65 -28.55 3.57
N ALA A 378 -18.21 -29.71 3.08
CA ALA A 378 -17.56 -29.77 1.77
C ALA A 378 -18.53 -29.39 0.66
N ALA A 379 -19.75 -29.91 0.71
CA ALA A 379 -20.73 -29.59 -0.32
C ALA A 379 -21.14 -28.13 -0.28
N MET A 380 -21.31 -27.56 0.92
CA MET A 380 -21.63 -26.14 1.02
C MET A 380 -20.50 -25.29 0.48
N THR A 381 -19.25 -25.64 0.79
CA THR A 381 -18.14 -24.85 0.27
C THR A 381 -18.07 -24.93 -1.24
N LEU A 382 -18.26 -26.13 -1.81
CA LEU A 382 -18.25 -26.26 -3.27
C LEU A 382 -19.36 -25.45 -3.91
N TRP A 383 -20.59 -25.58 -3.40
CA TRP A 383 -21.71 -24.87 -3.99
C TRP A 383 -21.56 -23.36 -3.84
N LEU A 384 -21.09 -22.91 -2.68
CA LEU A 384 -20.93 -21.48 -2.45
C LEU A 384 -19.82 -20.89 -3.30
N HIS A 385 -18.71 -21.61 -3.48
CA HIS A 385 -17.69 -21.15 -4.41
C HIS A 385 -18.18 -21.13 -5.84
N ARG A 386 -19.01 -22.09 -6.24
CA ARG A 386 -19.57 -22.05 -7.59
C ARG A 386 -20.50 -20.85 -7.79
N VAL A 387 -21.37 -20.58 -6.81
CA VAL A 387 -22.27 -19.44 -6.90
C VAL A 387 -21.47 -18.13 -6.93
N ASP A 388 -20.45 -18.02 -6.07
CA ASP A 388 -19.63 -16.83 -6.07
C ASP A 388 -18.88 -16.67 -7.38
N ALA A 389 -18.41 -17.78 -7.96
CA ALA A 389 -17.72 -17.70 -9.25
C ALA A 389 -18.65 -17.20 -10.35
N ARG A 390 -19.91 -17.63 -10.35
CA ARG A 390 -20.85 -17.10 -11.33
C ARG A 390 -21.13 -15.61 -11.09
N PHE A 391 -21.38 -15.24 -9.84
CA PHE A 391 -21.74 -13.86 -9.55
C PHE A 391 -20.58 -12.91 -9.83
N ALA A 392 -19.36 -13.30 -9.46
CA ALA A 392 -18.21 -12.44 -9.69
C ALA A 392 -17.93 -12.30 -11.18
N HIS A 393 -18.17 -13.35 -11.97
CA HIS A 393 -18.03 -13.22 -13.41
C HIS A 393 -19.03 -12.21 -13.96
N GLU A 394 -20.28 -12.29 -13.51
CA GLU A 394 -21.27 -11.31 -13.96
C GLU A 394 -20.88 -9.90 -13.52
N LEU A 395 -20.36 -9.76 -12.29
CA LEU A 395 -19.94 -8.45 -11.80
C LEU A 395 -18.78 -7.89 -12.62
N ARG A 396 -17.82 -8.75 -12.98
CA ARG A 396 -16.68 -8.27 -13.76
C ARG A 396 -17.10 -7.92 -15.17
N GLY A 397 -18.07 -8.65 -15.73
CA GLY A 397 -18.64 -8.22 -17.00
C GLY A 397 -19.29 -6.85 -16.90
N ARG A 398 -20.05 -6.62 -15.83
CA ARG A 398 -20.66 -5.30 -15.62
C ARG A 398 -19.61 -4.22 -15.47
N LEU A 399 -18.53 -4.51 -14.74
CA LEU A 399 -17.46 -3.52 -14.56
C LEU A 399 -16.78 -3.22 -15.89
N LEU A 400 -16.52 -4.25 -16.71
CA LEU A 400 -15.93 -4.04 -18.01
C LEU A 400 -16.83 -3.14 -18.87
N THR A 401 -18.14 -3.42 -18.86
CA THR A 401 -19.05 -2.60 -19.63
C THR A 401 -19.10 -1.17 -19.11
N LYS A 402 -19.04 -1.00 -17.79
CA LYS A 402 -19.13 0.35 -17.21
C LYS A 402 -17.89 1.16 -17.54
N LEU A 403 -16.70 0.59 -17.39
CA LEU A 403 -15.48 1.31 -17.71
C LEU A 403 -15.41 1.66 -19.19
N SER A 404 -16.18 0.96 -20.03
CA SER A 404 -16.25 1.30 -21.45
C SER A 404 -17.21 2.44 -21.75
N ARG A 405 -17.90 2.99 -20.74
CA ARG A 405 -18.83 4.09 -20.95
C ARG A 405 -18.72 5.22 -19.94
N LEU A 406 -17.86 5.11 -18.93
CA LEU A 406 -17.60 6.25 -18.07
C LEU A 406 -16.84 7.31 -18.85
N PRO A 407 -16.98 8.59 -18.50
CA PRO A 407 -16.24 9.63 -19.22
C PRO A 407 -14.74 9.48 -18.97
N LEU A 408 -13.96 9.87 -19.99
CA LEU A 408 -12.50 9.71 -19.91
C LEU A 408 -11.92 10.47 -18.74
N GLY A 409 -12.53 11.59 -18.36
CA GLY A 409 -12.02 12.35 -17.24
C GLY A 409 -12.25 11.72 -15.89
N TRP A 410 -13.11 10.69 -15.81
CA TRP A 410 -13.28 9.97 -14.56
C TRP A 410 -12.00 9.24 -14.17
N PHE A 411 -11.31 8.66 -15.16
CA PHE A 411 -10.11 7.88 -14.86
C PHE A 411 -8.98 8.77 -14.37
N THR A 412 -8.83 9.96 -14.95
CA THR A 412 -7.71 10.82 -14.60
C THR A 412 -7.77 11.26 -13.14
N ARG A 413 -8.96 11.59 -12.65
CA ARG A 413 -9.11 12.01 -11.26
C ARG A 413 -8.74 10.87 -10.31
N ARG A 414 -9.18 9.66 -10.62
CA ARG A 414 -8.92 8.53 -9.72
C ARG A 414 -7.47 8.09 -9.78
N GLY A 415 -6.91 7.98 -10.98
CA GLY A 415 -5.57 7.45 -11.16
C GLY A 415 -5.57 5.95 -11.33
N SER A 416 -4.36 5.40 -11.49
CA SER A 416 -4.22 3.96 -11.70
C SER A 416 -4.42 3.16 -10.41
N ALA A 417 -3.93 3.67 -9.28
CA ALA A 417 -4.03 2.94 -8.03
C ALA A 417 -5.48 2.73 -7.63
N SER A 418 -6.32 3.76 -7.78
CA SER A 418 -7.72 3.63 -7.42
C SER A 418 -8.44 2.63 -8.32
N THR A 419 -8.13 2.63 -9.61
CA THR A 419 -8.73 1.66 -10.51
C THR A 419 -8.32 0.24 -10.14
N LYS A 420 -7.04 0.04 -9.82
CA LYS A 420 -6.60 -1.28 -9.39
C LYS A 420 -7.31 -1.70 -8.10
N GLN A 421 -7.44 -0.78 -7.15
CA GLN A 421 -8.12 -1.08 -5.91
C GLN A 421 -9.57 -1.48 -6.16
N LEU A 422 -10.24 -0.77 -7.08
CA LEU A 422 -11.61 -1.10 -7.42
C LEU A 422 -11.71 -2.48 -8.03
N VAL A 423 -10.91 -2.76 -9.05
CA VAL A 423 -11.19 -3.91 -9.89
C VAL A 423 -10.55 -5.19 -9.37
N GLN A 424 -9.39 -5.10 -8.72
CA GLN A 424 -8.60 -6.29 -8.40
C GLN A 424 -8.63 -6.60 -6.92
N ASP A 425 -8.68 -5.58 -6.06
CA ASP A 425 -8.68 -5.77 -4.62
C ASP A 425 -10.09 -5.88 -4.05
N ASP A 426 -10.98 -4.96 -4.43
CA ASP A 426 -12.34 -5.00 -3.90
C ASP A 426 -13.10 -6.21 -4.43
N THR A 427 -12.85 -6.61 -5.68
CA THR A 427 -13.50 -7.80 -6.20
C THR A 427 -13.01 -9.08 -5.53
N LEU A 428 -11.84 -9.05 -4.89
CA LEU A 428 -11.39 -10.20 -4.11
C LEU A 428 -11.96 -10.14 -2.70
N ALA A 429 -12.03 -8.95 -2.11
CA ALA A 429 -12.71 -8.79 -0.84
C ALA A 429 -14.16 -9.21 -0.92
N LEU A 430 -14.80 -9.00 -2.07
CA LEU A 430 -16.17 -9.46 -2.27
C LEU A 430 -16.26 -10.98 -2.34
N HIS A 431 -15.29 -11.63 -2.98
CA HIS A 431 -15.23 -13.09 -2.98
C HIS A 431 -15.10 -13.62 -1.55
N TYR A 432 -14.20 -13.01 -0.77
CA TYR A 432 -14.05 -13.44 0.61
C TYR A 432 -15.31 -13.18 1.42
N LEU A 433 -15.99 -12.07 1.16
CA LEU A 433 -17.27 -11.80 1.81
C LEU A 433 -18.27 -12.90 1.53
N ILE A 434 -18.44 -13.25 0.26
CA ILE A 434 -19.50 -14.20 -0.10
C ILE A 434 -19.17 -15.59 0.43
N THR A 435 -17.92 -16.04 0.25
CA THR A 435 -17.59 -17.45 0.43
C THR A 435 -16.94 -17.79 1.76
N HIS A 436 -16.41 -16.81 2.51
CA HIS A 436 -15.69 -17.08 3.74
C HIS A 436 -16.22 -16.27 4.92
N ALA A 437 -16.60 -15.01 4.68
CA ALA A 437 -16.92 -14.13 5.79
C ALA A 437 -18.32 -14.39 6.34
N ILE A 438 -19.32 -14.47 5.48
CA ILE A 438 -20.71 -14.70 5.90
C ILE A 438 -20.84 -16.05 6.59
N PRO A 439 -20.37 -17.16 6.00
CA PRO A 439 -20.47 -18.44 6.73
C PRO A 439 -19.71 -18.44 8.04
N ASP A 440 -18.53 -17.83 8.10
CA ASP A 440 -17.79 -17.81 9.37
C ASP A 440 -18.53 -16.99 10.42
N ALA A 441 -19.11 -15.86 10.02
CA ALA A 441 -19.89 -15.06 10.97
C ALA A 441 -21.11 -15.81 11.45
N VAL A 442 -21.77 -16.54 10.54
CA VAL A 442 -22.94 -17.32 10.94
C VAL A 442 -22.54 -18.40 11.93
N ALA A 443 -21.40 -19.06 11.70
CA ALA A 443 -20.92 -20.06 12.65
C ALA A 443 -20.60 -19.43 14.00
N ALA A 444 -19.92 -18.28 13.99
CA ALA A 444 -19.53 -17.63 15.22
C ALA A 444 -20.73 -17.09 16.00
N VAL A 445 -21.86 -16.85 15.33
CA VAL A 445 -23.07 -16.41 16.02
C VAL A 445 -23.92 -17.60 16.46
N VAL A 446 -23.86 -18.71 15.72
CA VAL A 446 -24.70 -19.87 16.05
C VAL A 446 -24.09 -20.67 17.20
N ALA A 447 -22.77 -20.84 17.20
CA ALA A 447 -22.13 -21.68 18.21
C ALA A 447 -22.36 -21.18 19.63
N PRO A 448 -22.06 -19.93 19.98
CA PRO A 448 -22.34 -19.48 21.35
C PRO A 448 -23.81 -19.50 21.73
N VAL A 449 -24.70 -19.18 20.79
CA VAL A 449 -26.13 -19.19 21.10
C VAL A 449 -26.59 -20.62 21.38
N ALA A 450 -26.17 -21.56 20.53
CA ALA A 450 -26.54 -22.95 20.74
C ALA A 450 -25.97 -23.47 22.06
N VAL A 451 -24.73 -23.09 22.37
CA VAL A 451 -24.14 -23.51 23.63
C VAL A 451 -24.94 -22.95 24.81
N LEU A 452 -25.33 -21.68 24.74
CA LEU A 452 -26.10 -21.09 25.83
C LEU A 452 -27.44 -21.80 26.00
N VAL A 453 -28.13 -22.08 24.90
CA VAL A 453 -29.42 -22.75 24.99
C VAL A 453 -29.25 -24.14 25.59
N TYR A 454 -28.23 -24.88 25.14
CA TYR A 454 -28.05 -26.24 25.65
C TYR A 454 -27.66 -26.23 27.12
N LEU A 455 -26.80 -25.30 27.54
CA LEU A 455 -26.41 -25.25 28.94
C LEU A 455 -27.57 -24.81 29.83
N PHE A 456 -28.40 -23.88 29.35
CA PHE A 456 -29.60 -23.51 30.10
C PHE A 456 -30.55 -24.70 30.23
N VAL A 457 -30.71 -25.47 29.16
CA VAL A 457 -31.56 -26.65 29.23
C VAL A 457 -31.00 -27.67 30.21
N ALA A 458 -29.67 -27.81 30.24
CA ALA A 458 -29.04 -28.74 31.17
C ALA A 458 -29.29 -28.34 32.62
N ASP A 459 -28.97 -27.08 32.96
CA ASP A 459 -29.26 -26.57 34.30
C ASP A 459 -29.08 -25.06 34.28
N TRP A 460 -30.04 -24.33 34.85
CA TRP A 460 -29.99 -22.88 34.83
C TRP A 460 -29.16 -22.31 35.98
N ARG A 461 -29.11 -23.00 37.12
CA ARG A 461 -28.36 -22.50 38.26
C ARG A 461 -26.88 -22.37 37.93
N VAL A 462 -26.31 -23.38 37.29
CA VAL A 462 -24.91 -23.33 36.88
C VAL A 462 -24.72 -22.55 35.60
N ALA A 463 -25.78 -22.33 34.82
CA ALA A 463 -25.66 -21.52 33.62
C ALA A 463 -25.63 -20.03 33.95
N LEU A 464 -26.26 -19.63 35.06
CA LEU A 464 -26.24 -18.21 35.44
C LEU A 464 -24.83 -17.77 35.84
N VAL A 465 -24.10 -18.62 36.56
CA VAL A 465 -22.77 -18.23 37.03
C VAL A 465 -21.78 -18.05 35.88
N LEU A 466 -22.07 -18.62 34.70
CA LEU A 466 -21.24 -18.34 33.54
C LEU A 466 -21.28 -16.88 33.14
N PHE A 467 -22.39 -16.18 33.43
CA PHE A 467 -22.51 -14.78 33.09
C PHE A 467 -21.81 -13.84 34.06
N ILE A 468 -21.39 -14.33 35.23
CA ILE A 468 -20.62 -13.49 36.15
C ILE A 468 -19.32 -13.02 35.51
N PRO A 469 -18.47 -13.88 34.96
CA PRO A 469 -17.30 -13.37 34.25
C PRO A 469 -17.65 -12.55 33.02
N VAL A 470 -18.74 -12.87 32.32
CA VAL A 470 -19.14 -12.06 31.18
C VAL A 470 -19.55 -10.67 31.63
N LEU A 471 -20.32 -10.58 32.72
CA LEU A 471 -20.71 -9.27 33.23
C LEU A 471 -19.50 -8.48 33.70
N VAL A 472 -18.55 -9.15 34.35
CA VAL A 472 -17.34 -8.46 34.78
C VAL A 472 -16.55 -7.96 33.57
N TYR A 473 -16.45 -8.77 32.51
CA TYR A 473 -15.77 -8.34 31.30
C TYR A 473 -16.44 -7.11 30.70
N LEU A 474 -17.77 -7.14 30.59
CA LEU A 474 -18.49 -6.02 30.00
C LEU A 474 -18.33 -4.77 30.85
N VAL A 475 -18.39 -4.90 32.17
CA VAL A 475 -18.25 -3.74 33.05
C VAL A 475 -16.85 -3.15 32.90
N LEU A 476 -15.82 -4.00 32.89
CA LEU A 476 -14.46 -3.49 32.74
C LEU A 476 -14.26 -2.82 31.39
N MET A 477 -14.80 -3.41 30.32
CA MET A 477 -14.68 -2.80 29.01
C MET A 477 -15.38 -1.45 28.96
N SER A 478 -16.57 -1.35 29.56
CA SER A 478 -17.30 -0.10 29.59
C SER A 478 -16.55 0.97 30.38
N VAL A 479 -15.99 0.59 31.53
CA VAL A 479 -15.21 1.53 32.33
C VAL A 479 -13.99 2.01 31.55
N MET A 480 -13.33 1.08 30.84
CA MET A 480 -12.17 1.45 30.05
C MET A 480 -12.55 2.41 28.92
N THR A 481 -13.65 2.14 28.23
CA THR A 481 -13.99 2.90 27.04
C THR A 481 -14.36 4.34 27.38
N ILE A 482 -15.16 4.54 28.43
CA ILE A 482 -15.54 5.90 28.79
C ILE A 482 -14.32 6.69 29.28
N GLN A 483 -13.40 6.02 29.99
CA GLN A 483 -12.23 6.69 30.54
C GLN A 483 -11.23 7.14 29.48
N SER A 484 -11.38 6.69 28.22
CA SER A 484 -10.50 7.06 27.12
C SER A 484 -11.32 7.44 25.90
N GLY A 485 -12.33 8.29 26.09
CA GLY A 485 -13.19 8.66 24.99
C GLY A 485 -12.48 9.46 23.91
N SER A 486 -11.67 10.44 24.32
CA SER A 486 -11.02 11.32 23.35
C SER A 486 -9.84 10.62 22.69
N LYS A 487 -9.10 9.81 23.44
CA LYS A 487 -7.91 9.17 22.88
C LYS A 487 -8.25 8.15 21.81
N ILE A 488 -9.40 7.48 21.94
CA ILE A 488 -9.82 6.53 20.92
C ILE A 488 -10.05 7.25 19.59
N ALA A 489 -10.69 8.42 19.64
CA ALA A 489 -10.87 9.20 18.42
C ALA A 489 -9.56 9.77 17.90
N GLN A 490 -8.66 10.16 18.80
CA GLN A 490 -7.38 10.74 18.38
C GLN A 490 -6.46 9.72 17.74
N ALA A 491 -6.52 8.46 18.16
CA ALA A 491 -5.55 7.47 17.72
C ALA A 491 -5.52 7.27 16.21
N PRO A 492 -6.65 7.10 15.51
CA PRO A 492 -6.58 7.05 14.04
C PRO A 492 -5.97 8.28 13.41
N ARG A 493 -6.30 9.46 13.95
CA ARG A 493 -5.72 10.70 13.42
C ARG A 493 -4.22 10.72 13.61
N TRP A 494 -3.74 10.31 14.79
CA TRP A 494 -2.30 10.31 15.03
C TRP A 494 -1.61 9.26 14.16
N ALA A 495 -2.27 8.12 13.93
CA ALA A 495 -1.70 7.11 13.04
C ALA A 495 -1.55 7.64 11.62
N GLU A 496 -2.58 8.35 11.13
CA GLU A 496 -2.48 8.94 9.80
C GLU A 496 -1.39 10.01 9.75
N ARG A 497 -1.28 10.83 10.79
CA ARG A 497 -0.22 11.84 10.85
C ARG A 497 1.15 11.19 10.80
N MET A 498 1.33 10.12 11.58
CA MET A 498 2.63 9.45 11.60
C MET A 498 2.93 8.75 10.29
N GLY A 499 1.91 8.22 9.60
CA GLY A 499 2.12 7.68 8.28
C GLY A 499 2.59 8.73 7.29
N GLY A 500 1.93 9.90 7.31
CA GLY A 500 2.36 10.99 6.45
C GLY A 500 3.77 11.45 6.76
N GLU A 501 4.11 11.55 8.05
CA GLU A 501 5.45 11.98 8.44
C GLU A 501 6.50 10.94 8.06
N ALA A 502 6.17 9.65 8.18
CA ALA A 502 7.09 8.62 7.72
C ALA A 502 7.31 8.72 6.22
N GLY A 503 6.25 8.97 5.46
CA GLY A 503 6.42 9.17 4.03
C GLY A 503 7.31 10.36 3.72
N ALA A 504 7.12 11.46 4.45
CA ALA A 504 7.97 12.63 4.25
C ALA A 504 9.42 12.34 4.61
N PHE A 505 9.65 11.64 5.72
CA PHE A 505 11.01 11.30 6.13
C PHE A 505 11.69 10.42 5.10
N LEU A 506 10.95 9.47 4.52
CA LEU A 506 11.52 8.61 3.49
C LEU A 506 11.78 9.41 2.21
N GLU A 507 10.92 10.38 1.90
CA GLU A 507 11.09 11.15 0.67
C GLU A 507 12.24 12.14 0.75
N GLY A 508 12.52 12.66 1.96
CA GLY A 508 13.58 13.65 2.13
C GLY A 508 14.92 13.04 2.46
N GLN A 509 15.15 11.80 2.06
CA GLN A 509 16.40 11.12 2.37
C GLN A 509 17.63 11.80 1.76
N PRO A 510 17.64 12.22 0.49
CA PRO A 510 18.84 12.89 -0.04
C PRO A 510 19.22 14.16 0.72
N VAL A 511 18.24 14.94 1.15
CA VAL A 511 18.56 16.15 1.91
C VAL A 511 19.15 15.80 3.26
N ILE A 512 18.64 14.73 3.89
CA ILE A 512 19.21 14.26 5.15
C ILE A 512 20.64 13.81 4.94
N ARG A 513 20.91 13.13 3.83
CA ARG A 513 22.25 12.59 3.60
C ARG A 513 23.25 13.70 3.30
N ILE A 514 22.87 14.67 2.48
CA ILE A 514 23.80 15.70 2.03
C ILE A 514 23.87 16.86 3.01
N PHE A 515 22.71 17.38 3.42
CA PHE A 515 22.62 18.53 4.30
C PHE A 515 22.39 18.15 5.76
N GLY A 516 21.60 17.11 6.02
CA GLY A 516 21.32 16.74 7.39
C GLY A 516 20.53 17.81 8.11
N GLY A 517 20.79 17.94 9.41
CA GLY A 517 20.15 18.95 10.22
C GLY A 517 18.81 18.50 10.77
N ALA A 518 17.82 19.41 10.76
CA ALA A 518 16.53 19.14 11.37
C ALA A 518 15.69 18.14 10.59
N ALA A 519 16.10 17.74 9.38
CA ALA A 519 15.28 16.84 8.58
C ALA A 519 15.07 15.50 9.27
N ALA A 520 16.05 15.04 10.07
CA ALA A 520 15.89 13.83 10.85
C ALA A 520 15.21 14.10 12.20
N SER A 521 15.54 15.23 12.82
CA SER A 521 14.95 15.56 14.12
C SER A 521 13.45 15.79 14.00
N ARG A 522 12.98 16.35 12.88
CA ARG A 522 11.55 16.58 12.71
C ARG A 522 10.77 15.27 12.76
N PHE A 523 11.30 14.22 12.12
CA PHE A 523 10.64 12.92 12.20
C PHE A 523 10.82 12.29 13.56
N ARG A 524 12.04 12.36 14.12
CA ARG A 524 12.33 11.64 15.36
C ARG A 524 11.51 12.19 16.52
N ARG A 525 11.38 13.51 16.63
CA ARG A 525 10.63 14.10 17.71
C ARG A 525 9.16 13.69 17.65
N ARG A 526 8.57 13.71 16.46
CA ARG A 526 7.17 13.34 16.34
C ARG A 526 6.94 11.85 16.51
N LEU A 527 7.89 11.01 16.08
CA LEU A 527 7.78 9.58 16.38
C LEU A 527 7.84 9.33 17.87
N ASP A 528 8.76 10.01 18.57
CA ASP A 528 8.83 9.88 20.02
C ASP A 528 7.55 10.36 20.67
N ASP A 529 6.97 11.44 20.15
CA ASP A 529 5.70 11.93 20.67
C ASP A 529 4.59 10.92 20.47
N TYR A 530 4.55 10.26 19.31
CA TYR A 530 3.53 9.25 19.07
C TYR A 530 3.70 8.06 20.00
N ILE A 531 4.93 7.60 20.18
CA ILE A 531 5.17 6.47 21.08
C ILE A 531 4.82 6.84 22.51
N ASP A 532 5.17 8.06 22.95
CA ASP A 532 4.80 8.49 24.28
C ASP A 532 3.30 8.64 24.44
N PHE A 533 2.60 9.07 23.38
CA PHE A 533 1.16 9.13 23.43
C PHE A 533 0.55 7.73 23.63
N LEU A 534 1.06 6.75 22.88
CA LEU A 534 0.56 5.39 23.04
C LEU A 534 0.83 4.86 24.44
N VAL A 535 2.04 5.10 24.95
CA VAL A 535 2.38 4.60 26.28
C VAL A 535 1.52 5.26 27.35
N SER A 536 1.31 6.57 27.25
CA SER A 536 0.45 7.25 28.21
C SER A 536 -1.00 6.79 28.09
N TRP A 537 -1.45 6.46 26.88
CA TRP A 537 -2.81 6.00 26.68
C TRP A 537 -3.03 4.64 27.32
N GLN A 538 -2.14 3.68 27.05
CA GLN A 538 -2.40 2.29 27.41
C GLN A 538 -1.77 1.86 28.73
N ARG A 539 -0.82 2.62 29.27
CA ARG A 539 -0.19 2.21 30.53
C ARG A 539 -1.16 2.13 31.70
N PRO A 540 -2.00 3.13 31.98
CA PRO A 540 -2.87 3.02 33.16
C PRO A 540 -3.94 1.94 33.05
N PHE A 541 -4.20 1.40 31.86
CA PHE A 541 -5.18 0.34 31.67
C PHE A 541 -4.59 -1.05 31.82
N VAL A 542 -3.32 -1.17 32.19
CA VAL A 542 -2.77 -2.49 32.48
C VAL A 542 -3.49 -3.11 33.67
N GLY A 543 -3.86 -2.29 34.66
CA GLY A 543 -4.59 -2.83 35.79
C GLY A 543 -5.93 -3.39 35.42
N LYS A 544 -6.68 -2.68 34.57
CA LYS A 544 -7.99 -3.16 34.16
C LYS A 544 -7.88 -4.28 33.13
N LYS A 545 -6.92 -4.17 32.21
CA LYS A 545 -6.87 -5.09 31.07
C LYS A 545 -6.40 -6.47 31.48
N THR A 546 -5.45 -6.57 32.41
CA THR A 546 -5.03 -7.89 32.89
C THR A 546 -6.18 -8.61 33.57
N LEU A 547 -6.93 -7.91 34.41
CA LEU A 547 -8.11 -8.51 35.05
C LEU A 547 -9.15 -8.89 34.01
N MET A 548 -9.34 -8.06 33.00
CA MET A 548 -10.30 -8.35 31.94
C MET A 548 -9.90 -9.62 31.18
N ASP A 549 -8.59 -9.82 30.98
CA ASP A 549 -8.13 -11.05 30.34
C ASP A 549 -8.26 -12.26 31.26
N LEU A 550 -7.96 -12.10 32.54
CA LEU A 550 -8.06 -13.22 33.47
C LEU A 550 -9.49 -13.68 33.63
N VAL A 551 -10.46 -12.75 33.59
CA VAL A 551 -11.85 -13.10 33.86
C VAL A 551 -12.37 -14.11 32.83
N THR A 552 -12.08 -13.87 31.55
CA THR A 552 -12.59 -14.73 30.48
C THR A 552 -11.67 -15.90 30.17
N ARG A 553 -10.67 -16.17 31.00
CA ARG A 553 -9.75 -17.27 30.74
C ARG A 553 -10.47 -18.60 30.97
N PRO A 554 -10.09 -19.66 30.23
CA PRO A 554 -10.78 -20.95 30.44
C PRO A 554 -10.63 -21.52 31.83
N ALA A 555 -9.48 -21.31 32.49
CA ALA A 555 -9.30 -21.84 33.84
C ALA A 555 -10.26 -21.18 34.81
N THR A 556 -10.51 -19.88 34.65
CA THR A 556 -11.47 -19.21 35.51
C THR A 556 -12.86 -19.77 35.30
N PHE A 557 -13.25 -20.02 34.05
CA PHE A 557 -14.57 -20.61 33.80
C PHE A 557 -14.67 -21.99 34.41
N LEU A 558 -13.62 -22.81 34.28
CA LEU A 558 -13.66 -24.14 34.88
C LEU A 558 -13.77 -24.07 36.40
N TRP A 559 -13.02 -23.16 37.03
CA TRP A 559 -13.12 -23.02 38.48
C TRP A 559 -14.51 -22.57 38.91
N ILE A 560 -15.09 -21.61 38.19
CA ILE A 560 -16.43 -21.13 38.54
C ILE A 560 -17.45 -22.26 38.37
N ILE A 561 -17.37 -23.00 37.26
CA ILE A 561 -18.32 -24.08 37.02
C ILE A 561 -18.21 -25.13 38.11
N LEU A 562 -16.98 -25.50 38.49
CA LEU A 562 -16.84 -26.57 39.48
C LEU A 562 -17.22 -26.09 40.87
N VAL A 563 -16.89 -24.86 41.25
CA VAL A 563 -17.26 -24.39 42.59
C VAL A 563 -18.76 -24.14 42.67
N ALA A 564 -19.43 -23.92 41.53
CA ALA A 564 -20.88 -23.80 41.52
C ALA A 564 -21.59 -25.15 41.45
N GLY A 565 -20.95 -26.17 40.88
CA GLY A 565 -21.58 -27.46 40.71
C GLY A 565 -21.34 -28.44 41.83
N VAL A 566 -20.12 -28.47 42.37
CA VAL A 566 -19.80 -29.44 43.42
C VAL A 566 -20.65 -29.25 44.67
N PRO A 567 -20.88 -28.03 45.17
CA PRO A 567 -21.85 -27.89 46.27
C PRO A 567 -23.23 -28.41 45.90
N LEU A 568 -23.69 -28.14 44.69
CA LEU A 568 -25.00 -28.63 44.26
C LEU A 568 -25.01 -30.14 44.18
N VAL A 569 -23.96 -30.74 43.63
CA VAL A 569 -23.92 -32.19 43.49
C VAL A 569 -23.79 -32.85 44.85
N VAL A 570 -22.97 -32.27 45.74
CA VAL A 570 -22.78 -32.85 47.07
C VAL A 570 -24.09 -32.77 47.87
N THR A 571 -24.77 -31.63 47.81
CA THR A 571 -26.01 -31.47 48.55
C THR A 571 -27.19 -32.20 47.91
N GLY A 572 -27.02 -32.77 46.72
CA GLY A 572 -28.10 -33.47 46.05
C GLY A 572 -29.07 -32.58 45.31
N ARG A 573 -28.73 -31.31 45.09
CA ARG A 573 -29.62 -30.39 44.38
C ARG A 573 -29.49 -30.48 42.87
N MET A 574 -28.58 -31.30 42.34
CA MET A 574 -28.41 -31.43 40.90
C MET A 574 -27.87 -32.82 40.60
N ASP A 575 -28.33 -33.38 39.48
CA ASP A 575 -27.80 -34.66 39.05
C ASP A 575 -26.34 -34.49 38.61
N PRO A 576 -25.44 -35.40 38.99
CA PRO A 576 -24.04 -35.21 38.62
C PRO A 576 -23.80 -35.20 37.12
N VAL A 577 -24.65 -35.87 36.35
CA VAL A 577 -24.50 -35.87 34.89
C VAL A 577 -24.78 -34.49 34.32
N ASN A 578 -25.72 -33.75 34.91
CA ASN A 578 -26.08 -32.44 34.39
C ASN A 578 -24.94 -31.43 34.48
N LEU A 579 -23.93 -31.69 35.31
CA LEU A 579 -22.75 -30.83 35.33
C LEU A 579 -21.84 -31.07 34.13
N LEU A 580 -21.88 -32.27 33.56
CA LEU A 580 -20.93 -32.62 32.51
C LEU A 580 -21.02 -31.73 31.27
N PRO A 581 -22.20 -31.32 30.78
CA PRO A 581 -22.22 -30.35 29.68
C PRO A 581 -21.46 -29.07 29.98
N PHE A 582 -21.48 -28.61 31.23
CA PHE A 582 -20.76 -27.38 31.57
C PHE A 582 -19.25 -27.60 31.51
N LEU A 583 -18.78 -28.76 31.93
CA LEU A 583 -17.35 -29.05 31.83
C LEU A 583 -16.91 -29.22 30.38
N LEU A 584 -17.75 -29.84 29.54
CA LEU A 584 -17.39 -30.06 28.15
C LEU A 584 -17.44 -28.76 27.35
N LEU A 585 -18.61 -28.12 27.31
CA LEU A 585 -18.84 -26.94 26.48
C LEU A 585 -18.67 -25.63 27.22
N GLY A 586 -18.84 -25.61 28.55
CA GLY A 586 -18.94 -24.36 29.27
C GLY A 586 -17.63 -23.65 29.54
N THR A 587 -16.51 -24.37 29.53
CA THR A 587 -15.24 -23.74 29.90
C THR A 587 -14.82 -22.73 28.84
N THR A 588 -14.88 -23.10 27.57
CA THR A 588 -14.44 -22.24 26.47
C THR A 588 -15.56 -21.32 25.97
N PHE A 589 -16.62 -21.14 26.74
CA PHE A 589 -17.74 -20.31 26.29
C PHE A 589 -17.33 -18.85 26.17
N GLY A 590 -16.50 -18.36 27.09
CA GLY A 590 -16.07 -16.97 27.01
C GLY A 590 -15.27 -16.69 25.76
N ALA A 591 -14.36 -17.59 25.40
CA ALA A 591 -13.59 -17.41 24.17
C ALA A 591 -14.50 -17.44 22.95
N ARG A 592 -15.60 -18.17 23.00
CA ARG A 592 -16.55 -18.17 21.90
C ARG A 592 -17.29 -16.85 21.82
N LEU A 593 -17.64 -16.27 22.97
CA LEU A 593 -18.31 -14.97 22.96
C LEU A 593 -17.41 -13.90 22.38
N LEU A 594 -16.13 -13.90 22.74
CA LEU A 594 -15.20 -12.90 22.21
C LEU A 594 -14.98 -13.07 20.71
N GLY A 595 -15.19 -14.27 20.19
CA GLY A 595 -15.01 -14.51 18.77
C GLY A 595 -16.12 -13.97 17.89
N ILE A 596 -17.21 -13.48 18.48
CA ILE A 596 -18.29 -12.92 17.67
C ILE A 596 -17.83 -11.66 16.96
N GLY A 597 -17.05 -10.82 17.64
CA GLY A 597 -16.61 -9.57 17.04
C GLY A 597 -15.76 -9.79 15.80
N TYR A 598 -14.80 -10.72 15.87
CA TYR A 598 -13.99 -11.02 14.70
C TYR A 598 -14.83 -11.62 13.59
N GLY A 599 -15.88 -12.36 13.94
CA GLY A 599 -16.76 -12.90 12.92
C GLY A 599 -17.47 -11.81 12.14
N LEU A 600 -18.02 -10.82 12.84
CA LEU A 600 -18.73 -9.74 12.18
C LEU A 600 -17.79 -8.70 11.57
N SER A 601 -16.51 -8.71 11.93
CA SER A 601 -15.57 -7.78 11.32
C SER A 601 -15.42 -8.06 9.82
N GLY A 602 -15.43 -9.34 9.44
CA GLY A 602 -15.29 -9.69 8.03
C GLY A 602 -16.44 -9.16 7.19
N ILE A 603 -17.66 -9.20 7.74
CA ILE A 603 -18.81 -8.71 6.99
C ILE A 603 -18.65 -7.22 6.69
N GLN A 604 -18.21 -6.44 7.68
CA GLN A 604 -18.00 -5.01 7.45
C GLN A 604 -16.88 -4.78 6.45
N THR A 605 -15.77 -5.52 6.59
CA THR A 605 -14.64 -5.34 5.69
C THR A 605 -15.00 -5.69 4.25
N GLY A 606 -15.93 -6.63 4.06
CA GLY A 606 -16.40 -6.94 2.72
C GLY A 606 -17.46 -6.00 2.21
N MET A 607 -18.31 -5.50 3.12
CA MET A 607 -19.35 -4.57 2.72
C MET A 607 -18.77 -3.24 2.30
N LEU A 608 -17.60 -2.86 2.85
CA LEU A 608 -16.94 -1.66 2.35
C LEU A 608 -16.56 -1.82 0.88
N ALA A 609 -15.99 -2.96 0.53
CA ALA A 609 -15.62 -3.22 -0.87
C ALA A 609 -16.87 -3.27 -1.76
N ALA A 610 -17.94 -3.90 -1.28
CA ALA A 610 -19.18 -3.92 -2.04
C ALA A 610 -19.72 -2.52 -2.26
N ARG A 611 -19.65 -1.68 -1.24
CA ARG A 611 -20.12 -0.30 -1.36
C ARG A 611 -19.29 0.47 -2.39
N ARG A 612 -17.97 0.27 -2.37
CA ARG A 612 -17.13 0.95 -3.36
C ARG A 612 -17.46 0.50 -4.78
N ILE A 613 -17.61 -0.81 -4.98
CA ILE A 613 -17.91 -1.32 -6.32
C ILE A 613 -19.25 -0.79 -6.81
N GLN A 614 -20.26 -0.77 -5.93
CA GLN A 614 -21.57 -0.26 -6.35
C GLN A 614 -21.52 1.23 -6.61
N THR A 615 -20.78 1.97 -5.78
CA THR A 615 -20.66 3.42 -5.99
C THR A 615 -20.05 3.73 -7.34
N VAL A 616 -19.05 2.94 -7.74
CA VAL A 616 -18.49 3.13 -9.09
C VAL A 616 -19.50 2.70 -10.14
N LEU A 617 -20.26 1.63 -9.88
CA LEU A 617 -21.26 1.19 -10.84
C LEU A 617 -22.45 2.13 -10.92
N ASP A 618 -22.63 3.02 -9.95
CA ASP A 618 -23.66 4.04 -9.99
C ASP A 618 -23.19 5.38 -10.56
N GLU A 619 -21.94 5.46 -11.01
CA GLU A 619 -21.42 6.71 -11.54
C GLU A 619 -22.21 7.12 -12.79
N PRO A 620 -22.45 8.41 -13.02
CA PRO A 620 -23.08 8.81 -14.28
C PRO A 620 -22.20 8.45 -15.48
N GLU A 621 -22.85 8.04 -16.56
CA GLU A 621 -22.19 7.72 -17.81
C GLU A 621 -22.33 8.91 -18.76
N LEU A 622 -21.73 8.78 -19.94
CA LEU A 622 -21.90 9.77 -20.99
C LEU A 622 -23.27 9.56 -21.65
N VAL A 623 -24.00 10.66 -21.83
CA VAL A 623 -25.36 10.62 -22.36
C VAL A 623 -25.31 10.97 -23.84
N VAL A 624 -25.99 10.17 -24.65
CA VAL A 624 -26.09 10.37 -26.10
C VAL A 624 -27.51 10.88 -26.36
N ARG A 625 -27.67 12.19 -26.42
CA ARG A 625 -28.99 12.79 -26.63
C ARG A 625 -29.35 12.76 -28.11
N ASP A 626 -30.52 13.30 -28.42
CA ASP A 626 -31.04 13.34 -29.79
C ASP A 626 -31.18 11.94 -30.36
N PRO A 643 -15.57 22.29 -41.53
CA PRO A 643 -14.30 21.58 -41.66
C PRO A 643 -13.51 21.52 -40.36
N GLY A 644 -14.22 21.48 -39.23
CA GLY A 644 -13.60 21.42 -37.92
C GLY A 644 -13.78 22.70 -37.12
N THR A 645 -14.94 23.33 -37.22
CA THR A 645 -15.24 24.54 -36.49
C THR A 645 -15.84 24.17 -35.13
N VAL A 646 -15.21 24.62 -34.05
CA VAL A 646 -15.68 24.40 -32.69
C VAL A 646 -16.31 25.68 -32.20
N GLU A 647 -17.52 25.57 -31.62
CA GLU A 647 -18.28 26.71 -31.13
C GLU A 647 -18.67 26.43 -29.68
N LEU A 648 -17.90 26.96 -28.75
CA LEU A 648 -18.26 26.93 -27.34
C LEU A 648 -19.27 28.04 -27.09
N ASP A 649 -20.49 27.66 -26.70
CA ASP A 649 -21.62 28.58 -26.60
C ASP A 649 -22.12 28.59 -25.16
N ARG A 650 -21.71 29.61 -24.40
CA ARG A 650 -22.15 29.79 -23.01
C ARG A 650 -21.85 28.55 -22.17
N VAL A 651 -20.63 28.04 -22.30
CA VAL A 651 -20.23 26.80 -21.65
C VAL A 651 -19.83 27.10 -20.22
N SER A 652 -20.36 26.32 -19.28
CA SER A 652 -19.96 26.38 -17.89
C SER A 652 -19.89 24.95 -17.35
N PHE A 653 -19.04 24.74 -16.34
CA PHE A 653 -18.78 23.41 -15.84
C PHE A 653 -18.39 23.47 -14.37
N GLU A 654 -18.81 22.47 -13.62
CA GLU A 654 -18.53 22.36 -12.19
C GLU A 654 -18.16 20.92 -11.87
N TYR A 655 -17.01 20.73 -11.23
CA TYR A 655 -16.58 19.38 -10.88
C TYR A 655 -17.56 18.72 -9.93
N ARG A 656 -17.89 19.40 -8.83
CA ARG A 656 -18.92 18.99 -7.88
C ARG A 656 -20.09 19.95 -7.97
N PRO A 657 -21.28 19.56 -7.51
CA PRO A 657 -22.43 20.50 -7.57
C PRO A 657 -22.17 21.72 -6.71
N GLY A 658 -22.27 22.90 -7.32
CA GLY A 658 -22.16 24.15 -6.61
C GLY A 658 -20.79 24.76 -6.51
N VAL A 659 -19.81 24.25 -7.27
CA VAL A 659 -18.46 24.80 -7.28
C VAL A 659 -18.03 24.95 -8.74
N PRO A 660 -18.46 26.00 -9.45
CA PRO A 660 -18.07 26.15 -10.85
C PRO A 660 -16.57 26.29 -11.02
N VAL A 661 -16.06 25.68 -12.10
CA VAL A 661 -14.69 25.86 -12.54
C VAL A 661 -14.60 26.66 -13.83
N ILE A 662 -15.55 26.46 -14.76
CA ILE A 662 -15.68 27.26 -15.97
C ILE A 662 -17.02 27.98 -15.88
N ARG A 663 -17.00 29.30 -16.13
CA ARG A 663 -18.16 30.17 -15.91
C ARG A 663 -18.47 30.94 -17.19
N ASP A 664 -19.31 30.36 -18.04
CA ASP A 664 -19.93 31.07 -19.17
C ASP A 664 -18.88 31.63 -20.13
N VAL A 665 -18.13 30.71 -20.75
CA VAL A 665 -17.10 31.05 -21.73
C VAL A 665 -17.68 30.86 -23.12
N THR A 666 -17.36 31.79 -24.03
CA THR A 666 -17.79 31.74 -25.42
C THR A 666 -16.57 31.82 -26.32
N LEU A 667 -16.51 30.92 -27.30
CA LEU A 667 -15.39 30.87 -28.23
C LEU A 667 -15.85 30.32 -29.57
N THR A 668 -15.06 30.59 -30.60
CA THR A 668 -15.33 30.11 -31.96
C THR A 668 -13.98 29.77 -32.59
N LEU A 669 -13.57 28.51 -32.47
CA LEU A 669 -12.31 28.06 -33.03
C LEU A 669 -12.51 27.87 -34.54
N ARG A 670 -12.09 28.87 -35.32
CA ARG A 670 -12.34 28.82 -36.74
C ARG A 670 -11.43 27.79 -37.41
N PRO A 671 -11.79 27.32 -38.61
CA PRO A 671 -10.94 26.32 -39.28
C PRO A 671 -9.54 26.85 -39.56
N GLY A 672 -8.55 25.97 -39.38
CA GLY A 672 -7.18 26.31 -39.68
C GLY A 672 -6.56 27.36 -38.79
N THR A 673 -7.18 27.69 -37.65
CA THR A 673 -6.68 28.69 -36.72
C THR A 673 -6.21 27.99 -35.46
N VAL A 674 -4.95 28.21 -35.09
CA VAL A 674 -4.36 27.56 -33.91
C VAL A 674 -4.70 28.44 -32.71
N THR A 675 -5.87 28.21 -32.14
CA THR A 675 -6.26 28.92 -30.93
C THR A 675 -5.40 28.46 -29.77
N ALA A 676 -5.03 29.40 -28.90
CA ALA A 676 -4.19 29.14 -27.75
C ALA A 676 -4.92 29.53 -26.48
N LEU A 677 -4.81 28.68 -25.46
CA LEU A 677 -5.47 28.88 -24.16
C LEU A 677 -4.38 29.09 -23.12
N VAL A 678 -4.32 30.29 -22.55
CA VAL A 678 -3.28 30.68 -21.62
C VAL A 678 -3.91 31.26 -20.36
N GLY A 679 -3.25 31.06 -19.23
CA GLY A 679 -3.68 31.62 -17.98
C GLY A 679 -2.76 31.21 -16.84
N PRO A 680 -2.98 31.78 -15.65
CA PRO A 680 -2.15 31.40 -14.50
C PRO A 680 -2.46 30.00 -13.99
N SER A 681 -1.71 29.55 -13.00
CA SER A 681 -1.94 28.22 -12.43
C SER A 681 -3.32 28.16 -11.77
N GLY A 682 -4.02 27.06 -12.01
CA GLY A 682 -5.35 26.87 -11.45
C GLY A 682 -6.43 27.66 -12.14
N SER A 683 -6.18 28.20 -13.34
CA SER A 683 -7.17 29.00 -14.04
C SER A 683 -8.25 28.16 -14.72
N GLY A 684 -8.09 26.84 -14.78
CA GLY A 684 -9.07 26.00 -15.43
C GLY A 684 -8.94 25.91 -16.93
N LYS A 685 -7.82 26.35 -17.50
CA LYS A 685 -7.61 26.21 -18.94
C LYS A 685 -7.61 24.74 -19.35
N SER A 686 -6.95 23.89 -18.55
CA SER A 686 -6.91 22.47 -18.86
C SER A 686 -8.31 21.87 -18.81
N THR A 687 -9.14 22.33 -17.88
CA THR A 687 -10.51 21.82 -17.79
C THR A 687 -11.31 22.15 -19.05
N LEU A 688 -11.19 23.39 -19.53
CA LEU A 688 -11.91 23.75 -20.76
C LEU A 688 -11.39 22.97 -21.96
N ALA A 689 -10.08 22.82 -22.07
CA ALA A 689 -9.53 22.05 -23.18
C ALA A 689 -9.99 20.61 -23.12
N ALA A 690 -10.05 20.03 -21.92
CA ALA A 690 -10.57 18.68 -21.76
C ALA A 690 -12.05 18.61 -22.15
N LEU A 691 -12.84 19.60 -21.76
CA LEU A 691 -14.25 19.62 -22.10
C LEU A 691 -14.47 19.71 -23.61
N VAL A 692 -13.56 20.34 -24.34
CA VAL A 692 -13.69 20.36 -25.80
C VAL A 692 -13.63 18.94 -26.35
N ALA A 693 -12.80 18.08 -25.77
CA ALA A 693 -12.70 16.68 -26.17
C ALA A 693 -13.73 15.79 -25.49
N ARG A 694 -14.61 16.35 -24.65
CA ARG A 694 -15.64 15.61 -23.94
C ARG A 694 -15.05 14.63 -22.93
N PHE A 695 -14.02 15.08 -22.22
CA PHE A 695 -13.59 14.34 -21.03
C PHE A 695 -14.63 14.44 -19.93
N HIS A 696 -15.42 15.50 -19.91
CA HIS A 696 -16.61 15.60 -19.08
C HIS A 696 -17.70 16.31 -19.88
N ASP A 697 -18.95 16.06 -19.51
CA ASP A 697 -20.07 16.74 -20.13
C ASP A 697 -20.26 18.11 -19.52
N VAL A 698 -20.47 19.11 -20.38
CA VAL A 698 -20.68 20.46 -19.91
C VAL A 698 -21.99 20.53 -19.13
N THR A 699 -21.96 21.16 -17.96
CA THR A 699 -23.15 21.25 -17.13
C THR A 699 -24.17 22.21 -17.72
N GLN A 700 -23.71 23.33 -18.26
CA GLN A 700 -24.56 24.34 -18.87
C GLN A 700 -23.99 24.73 -20.23
N GLY A 701 -24.87 25.14 -21.13
CA GLY A 701 -24.46 25.45 -22.48
C GLY A 701 -24.21 24.20 -23.29
N ALA A 702 -23.47 24.37 -24.38
CA ALA A 702 -23.19 23.25 -25.28
C ALA A 702 -21.96 23.56 -26.10
N ILE A 703 -21.20 22.52 -26.41
CA ILE A 703 -20.02 22.60 -27.28
C ILE A 703 -20.39 21.90 -28.58
N ARG A 704 -20.26 22.62 -29.70
CA ARG A 704 -20.64 22.12 -31.01
C ARG A 704 -19.40 22.00 -31.88
N VAL A 705 -19.27 20.87 -32.56
CA VAL A 705 -18.24 20.63 -33.57
C VAL A 705 -18.95 20.49 -34.91
N ASP A 706 -18.61 21.37 -35.85
CA ASP A 706 -19.27 21.41 -37.16
C ASP A 706 -20.77 21.59 -37.03
N GLY A 707 -21.20 22.36 -36.03
CA GLY A 707 -22.60 22.65 -35.83
C GLY A 707 -23.39 21.61 -35.05
N ARG A 708 -22.78 20.47 -34.73
CA ARG A 708 -23.42 19.40 -33.99
C ARG A 708 -22.89 19.35 -32.57
N ASP A 709 -23.78 19.35 -31.59
CA ASP A 709 -23.36 19.26 -30.20
C ASP A 709 -22.62 17.96 -29.95
N ILE A 710 -21.55 18.04 -29.16
CA ILE A 710 -20.76 16.85 -28.87
C ILE A 710 -21.56 15.80 -28.10
N ARG A 711 -22.60 16.23 -27.38
CA ARG A 711 -23.45 15.26 -26.69
C ARG A 711 -24.12 14.31 -27.67
N THR A 712 -24.57 14.83 -28.81
CA THR A 712 -25.28 14.01 -29.79
C THR A 712 -24.35 13.10 -30.59
N LEU A 713 -23.03 13.29 -30.50
CA LEU A 713 -22.08 12.48 -31.24
C LEU A 713 -21.69 11.26 -30.41
N THR A 714 -21.74 10.08 -31.03
CA THR A 714 -21.23 8.88 -30.39
C THR A 714 -19.71 8.90 -30.37
N ALA A 715 -19.14 8.04 -29.52
CA ALA A 715 -17.69 8.03 -29.33
C ALA A 715 -16.97 7.68 -30.63
N ASP A 716 -17.49 6.72 -31.38
CA ASP A 716 -16.84 6.35 -32.64
C ASP A 716 -16.90 7.46 -33.67
N GLU A 717 -17.89 8.36 -33.57
CA GLU A 717 -18.04 9.46 -34.51
C GLU A 717 -17.45 10.76 -33.99
N LEU A 718 -17.37 10.94 -32.66
CA LEU A 718 -16.78 12.15 -32.11
C LEU A 718 -15.27 12.17 -32.28
N TYR A 719 -14.60 11.05 -32.00
CA TYR A 719 -13.15 11.02 -31.94
C TYR A 719 -12.50 10.84 -33.31
N ARG A 720 -13.28 10.78 -34.39
CA ARG A 720 -12.79 11.05 -35.73
C ARG A 720 -12.98 12.51 -36.13
N ARG A 721 -13.52 13.34 -35.24
CA ARG A 721 -13.66 14.77 -35.47
C ARG A 721 -12.81 15.61 -34.52
N VAL A 722 -12.57 15.14 -33.29
CA VAL A 722 -11.84 15.90 -32.28
C VAL A 722 -10.79 14.97 -31.68
N GLY A 723 -9.61 14.93 -32.30
CA GLY A 723 -8.48 14.25 -31.70
C GLY A 723 -7.83 15.09 -30.62
N PHE A 724 -7.00 14.45 -29.81
CA PHE A 724 -6.37 15.14 -28.69
C PHE A 724 -5.06 14.46 -28.33
N VAL A 725 -4.05 15.26 -28.00
CA VAL A 725 -2.73 14.78 -27.59
C VAL A 725 -2.41 15.49 -26.27
N LEU A 726 -2.82 14.90 -25.15
CA LEU A 726 -2.64 15.49 -23.84
C LEU A 726 -1.45 14.85 -23.14
N GLN A 727 -1.19 15.30 -21.91
CA GLN A 727 -0.08 14.77 -21.13
C GLN A 727 -0.38 13.33 -20.71
N ASP A 728 0.70 12.59 -20.44
CA ASP A 728 0.61 11.19 -20.03
C ASP A 728 -0.05 10.34 -21.12
N ALA A 729 0.62 10.31 -22.28
CA ALA A 729 0.15 9.48 -23.38
C ALA A 729 0.28 8.00 -23.04
N GLN A 730 -0.62 7.21 -23.59
CA GLN A 730 -0.79 5.80 -23.22
C GLN A 730 -0.63 4.91 -24.45
N LEU A 731 0.14 3.83 -24.28
CA LEU A 731 0.44 2.89 -25.34
C LEU A 731 -0.33 1.60 -25.12
N VAL A 732 -1.04 1.15 -26.16
CA VAL A 732 -1.70 -0.15 -26.10
C VAL A 732 -0.65 -1.24 -26.26
N HIS A 733 -0.80 -2.32 -25.51
CA HIS A 733 0.12 -3.44 -25.63
C HIS A 733 0.04 -4.05 -27.02
N GLY A 734 1.19 -4.25 -27.64
CA GLY A 734 1.26 -4.79 -28.98
C GLY A 734 2.49 -4.27 -29.69
N SER A 735 2.55 -4.56 -30.98
CA SER A 735 3.67 -4.11 -31.80
C SER A 735 3.59 -2.61 -32.02
N VAL A 736 4.73 -2.02 -32.40
CA VAL A 736 4.78 -0.59 -32.65
C VAL A 736 3.91 -0.23 -33.84
N ALA A 737 3.85 -1.10 -34.85
CA ALA A 737 2.96 -0.87 -35.98
C ALA A 737 1.51 -0.84 -35.54
N GLU A 738 1.16 -1.60 -34.49
CA GLU A 738 -0.20 -1.54 -33.96
C GLU A 738 -0.44 -0.24 -33.21
N ASN A 739 0.53 0.20 -32.40
CA ASN A 739 0.35 1.42 -31.63
C ASN A 739 0.24 2.64 -32.54
N ILE A 740 1.05 2.71 -33.58
CA ILE A 740 0.95 3.84 -34.51
C ILE A 740 -0.33 3.73 -35.33
N ALA A 741 -0.69 2.52 -35.75
CA ALA A 741 -1.86 2.29 -36.59
C ALA A 741 -3.11 1.96 -35.78
N LEU A 742 -3.18 2.40 -34.53
CA LEU A 742 -4.33 2.07 -33.69
C LEU A 742 -5.61 2.68 -34.25
N ALA A 743 -5.53 3.88 -34.80
CA ALA A 743 -6.71 4.52 -35.37
C ALA A 743 -7.14 3.87 -36.69
N GLU A 744 -6.20 3.29 -37.43
CA GLU A 744 -6.49 2.68 -38.72
C GLU A 744 -5.60 1.46 -38.89
N PRO A 745 -6.01 0.30 -38.33
CA PRO A 745 -5.16 -0.90 -38.45
C PRO A 745 -4.92 -1.35 -39.88
N ASP A 746 -5.86 -1.09 -40.80
CA ASP A 746 -5.73 -1.55 -42.17
C ASP A 746 -4.68 -0.78 -42.98
N ALA A 747 -4.13 0.30 -42.43
CA ALA A 747 -3.14 1.07 -43.15
C ALA A 747 -1.90 0.24 -43.44
N GLY A 748 -1.39 0.36 -44.66
CA GLY A 748 -0.20 -0.38 -45.05
C GLY A 748 1.05 0.11 -44.34
N LEU A 749 2.04 -0.77 -44.27
CA LEU A 749 3.25 -0.48 -43.52
C LEU A 749 3.98 0.76 -44.05
N GLU A 750 3.88 1.03 -45.35
CA GLU A 750 4.49 2.24 -45.89
C GLU A 750 3.84 3.48 -45.28
N ARG A 751 2.53 3.47 -45.12
CA ARG A 751 1.86 4.59 -44.47
C ARG A 751 2.26 4.72 -43.01
N ILE A 752 2.46 3.58 -42.33
CA ILE A 752 2.89 3.63 -40.93
C ILE A 752 4.27 4.26 -40.84
N ARG A 753 5.18 3.88 -41.73
CA ARG A 753 6.52 4.47 -41.69
C ARG A 753 6.48 5.95 -42.07
N THR A 754 5.62 6.32 -43.02
CA THR A 754 5.50 7.73 -43.38
C THR A 754 4.98 8.55 -42.21
N ALA A 755 4.00 8.03 -41.47
CA ALA A 755 3.51 8.71 -40.29
C ALA A 755 4.59 8.79 -39.22
N ALA A 756 5.34 7.71 -39.03
CA ALA A 756 6.40 7.70 -38.02
C ALA A 756 7.51 8.68 -38.37
N ARG A 757 7.92 8.71 -39.65
CA ARG A 757 8.97 9.64 -40.05
C ARG A 757 8.49 11.08 -39.90
N ASP A 758 7.21 11.33 -40.15
CA ASP A 758 6.65 12.65 -39.92
C ASP A 758 6.64 13.03 -38.44
N ALA A 759 6.65 12.05 -37.54
CA ALA A 759 6.67 12.29 -36.10
C ALA A 759 8.07 12.28 -35.51
N GLN A 760 9.12 12.14 -36.32
CA GLN A 760 10.50 12.13 -35.84
C GLN A 760 10.74 11.00 -34.85
N ILE A 761 10.20 9.82 -35.16
CA ILE A 761 10.39 8.62 -34.34
C ILE A 761 10.79 7.44 -35.23
N HIS A 762 10.96 7.68 -36.53
CA HIS A 762 11.38 6.60 -37.42
C HIS A 762 12.77 6.09 -37.07
N ASP A 763 13.68 7.00 -36.69
CA ASP A 763 15.05 6.61 -36.39
C ASP A 763 15.11 5.65 -35.21
N ARG A 764 14.45 6.00 -34.10
CA ARG A 764 14.52 5.14 -32.93
C ARG A 764 13.79 3.82 -33.15
N ILE A 765 12.69 3.83 -33.92
CA ILE A 765 12.01 2.57 -34.21
C ILE A 765 12.89 1.65 -35.04
N THR A 766 13.61 2.22 -36.03
CA THR A 766 14.56 1.40 -36.77
C THR A 766 15.71 0.95 -35.88
N ARG A 767 16.06 1.74 -34.87
CA ARG A 767 17.13 1.36 -33.94
C ARG A 767 16.77 0.13 -33.12
N MET A 768 15.48 -0.17 -32.95
CA MET A 768 15.07 -1.33 -32.18
C MET A 768 15.49 -2.61 -32.89
N PRO A 769 15.61 -3.73 -32.16
CA PRO A 769 16.04 -4.97 -32.82
C PRO A 769 15.05 -5.50 -33.84
N ASP A 770 13.77 -5.61 -33.45
CA ASP A 770 12.73 -6.11 -34.35
C ASP A 770 12.12 -5.02 -35.22
N GLY A 771 12.54 -3.77 -35.06
CA GLY A 771 11.94 -2.70 -35.84
C GLY A 771 10.52 -2.42 -35.38
N TYR A 772 9.62 -2.27 -36.36
CA TYR A 772 8.23 -1.97 -36.06
C TYR A 772 7.48 -3.14 -35.42
N ASP A 773 8.05 -4.33 -35.42
CA ASP A 773 7.45 -5.48 -34.75
C ASP A 773 7.73 -5.53 -33.26
N SER A 774 8.54 -4.60 -32.73
CA SER A 774 8.87 -4.62 -31.32
C SER A 774 7.62 -4.41 -30.48
N VAL A 775 7.48 -5.22 -29.43
CA VAL A 775 6.27 -5.23 -28.62
C VAL A 775 6.38 -4.14 -27.55
N LEU A 776 5.42 -3.21 -27.55
CA LEU A 776 5.32 -2.17 -26.55
C LEU A 776 4.26 -2.54 -25.51
N GLY A 777 4.22 -1.75 -24.44
CA GLY A 777 3.26 -2.01 -23.38
C GLY A 777 3.52 -1.11 -22.19
N ALA A 778 3.18 -1.62 -21.01
CA ALA A 778 3.39 -0.86 -19.78
C ALA A 778 4.86 -0.58 -19.55
N GLY A 779 5.72 -1.56 -19.80
CA GLY A 779 7.16 -1.42 -19.66
C GLY A 779 7.88 -1.64 -20.97
N SER A 780 8.74 -0.70 -21.35
CA SER A 780 9.46 -0.79 -22.61
C SER A 780 10.73 0.03 -22.52
N ALA A 781 11.64 -0.21 -23.48
CA ALA A 781 12.91 0.51 -23.51
C ALA A 781 12.73 1.99 -23.85
N LEU A 782 11.64 2.35 -24.52
CA LEU A 782 11.44 3.74 -24.92
C LEU A 782 11.24 4.62 -23.69
N SER A 783 11.81 5.81 -23.74
CA SER A 783 11.65 6.79 -22.67
C SER A 783 10.32 7.51 -22.82
N GLY A 784 10.06 8.47 -21.93
CA GLY A 784 8.82 9.22 -22.02
C GLY A 784 8.73 10.05 -23.29
N GLY A 785 9.82 10.73 -23.63
CA GLY A 785 9.82 11.57 -24.83
C GLY A 785 9.72 10.81 -26.12
N GLU A 786 9.97 9.50 -26.11
CA GLU A 786 9.87 8.67 -27.29
C GLU A 786 8.48 8.06 -27.45
N ARG A 787 7.88 7.56 -26.36
CA ARG A 787 6.51 7.13 -26.45
C ARG A 787 5.56 8.30 -26.68
N GLN A 788 5.94 9.51 -26.26
CA GLN A 788 5.15 10.68 -26.62
C GLN A 788 5.15 10.89 -28.13
N ARG A 789 6.31 10.72 -28.78
CA ARG A 789 6.36 10.84 -30.23
C ARG A 789 5.67 9.68 -30.93
N VAL A 790 5.65 8.49 -30.32
CA VAL A 790 4.86 7.40 -30.88
C VAL A 790 3.38 7.75 -30.86
N THR A 791 2.90 8.31 -29.74
CA THR A 791 1.50 8.73 -29.68
C THR A 791 1.21 9.86 -30.65
N ILE A 792 2.16 10.78 -30.84
CA ILE A 792 1.98 11.84 -31.82
C ILE A 792 1.90 11.25 -33.23
N ALA A 793 2.69 10.20 -33.49
CA ALA A 793 2.59 9.51 -34.78
C ALA A 793 1.21 8.89 -34.95
N ARG A 794 0.67 8.30 -33.88
CA ARG A 794 -0.68 7.75 -33.92
C ARG A 794 -1.69 8.84 -34.25
N ALA A 795 -1.57 10.00 -33.60
CA ALA A 795 -2.50 11.09 -33.85
C ALA A 795 -2.37 11.61 -35.28
N ILE A 796 -1.14 11.68 -35.80
CA ILE A 796 -0.95 12.12 -37.18
C ILE A 796 -1.62 11.14 -38.14
N LEU A 797 -1.46 9.84 -37.90
CA LEU A 797 -2.06 8.86 -38.79
C LEU A 797 -3.58 8.84 -38.67
N ALA A 798 -4.13 9.14 -37.50
CA ALA A 798 -5.57 9.23 -37.35
C ALA A 798 -6.14 10.38 -38.20
N ASP A 799 -5.44 11.51 -38.22
CA ASP A 799 -5.81 12.66 -39.06
C ASP A 799 -7.21 13.19 -38.70
N THR A 800 -7.33 13.64 -37.45
CA THR A 800 -8.56 14.32 -37.03
C THR A 800 -8.53 15.77 -37.50
N PRO A 801 -9.68 16.34 -37.92
CA PRO A 801 -9.66 17.75 -38.34
C PRO A 801 -9.39 18.71 -37.21
N VAL A 802 -10.11 18.55 -36.10
CA VAL A 802 -9.89 19.35 -34.90
C VAL A 802 -8.86 18.64 -34.03
N LEU A 803 -8.11 19.41 -33.25
CA LEU A 803 -7.08 18.87 -32.38
C LEU A 803 -7.09 19.63 -31.07
N VAL A 804 -6.96 18.90 -29.97
CA VAL A 804 -6.87 19.48 -28.63
C VAL A 804 -5.47 19.20 -28.09
N LEU A 805 -4.55 20.13 -28.32
CA LEU A 805 -3.15 19.93 -27.99
C LEU A 805 -2.85 20.51 -26.62
N ASP A 806 -1.97 19.82 -25.88
CA ASP A 806 -1.47 20.29 -24.60
C ASP A 806 0.03 20.53 -24.74
N GLU A 807 0.48 21.71 -24.31
CA GLU A 807 1.87 22.08 -24.49
C GLU A 807 2.80 21.45 -23.48
N ALA A 808 2.27 20.82 -22.42
CA ALA A 808 3.13 20.11 -21.48
C ALA A 808 3.83 18.92 -22.11
N THR A 809 3.30 18.40 -23.23
CA THR A 809 3.98 17.31 -23.93
C THR A 809 5.29 17.78 -24.54
N ALA A 810 5.42 19.07 -24.85
CA ALA A 810 6.63 19.56 -25.48
C ALA A 810 7.84 19.42 -24.56
N PHE A 811 7.69 19.85 -23.29
CA PHE A 811 8.78 19.85 -22.32
C PHE A 811 8.59 18.80 -21.23
N ALA A 812 7.81 17.75 -21.49
CA ALA A 812 7.72 16.66 -20.53
C ALA A 812 9.05 15.94 -20.40
N ASP A 813 9.74 15.74 -21.51
CA ASP A 813 11.08 15.12 -21.54
C ASP A 813 12.06 16.17 -22.06
N PRO A 814 12.76 16.90 -21.18
CA PRO A 814 13.67 17.95 -21.69
C PRO A 814 14.82 17.41 -22.54
N GLU A 815 15.16 16.13 -22.42
CA GLU A 815 16.25 15.57 -23.21
C GLU A 815 15.91 15.60 -24.70
N SER A 816 14.66 15.28 -25.04
CA SER A 816 14.19 15.18 -26.42
C SER A 816 13.09 16.20 -26.70
N GLU A 817 13.28 17.43 -26.23
CA GLU A 817 12.28 18.47 -26.46
C GLU A 817 12.18 18.84 -27.93
N TYR A 818 13.32 18.93 -28.63
CA TYR A 818 13.30 19.38 -30.01
C TYR A 818 12.54 18.42 -30.92
N LEU A 819 12.75 17.11 -30.72
CA LEU A 819 12.07 16.13 -31.56
C LEU A 819 10.56 16.17 -31.34
N VAL A 820 10.12 16.29 -30.09
CA VAL A 820 8.68 16.36 -29.82
C VAL A 820 8.11 17.65 -30.38
N GLN A 821 8.86 18.74 -30.31
CA GLN A 821 8.38 20.00 -30.87
C GLN A 821 8.22 19.89 -32.39
N GLN A 822 9.18 19.25 -33.06
CA GLN A 822 9.05 19.04 -34.50
C GLN A 822 7.86 18.14 -34.82
N ALA A 823 7.66 17.10 -34.02
CA ALA A 823 6.52 16.21 -34.24
C ALA A 823 5.21 16.97 -34.10
N ILE A 824 5.10 17.83 -33.08
CA ILE A 824 3.89 18.61 -32.90
C ILE A 824 3.72 19.62 -34.02
N ASN A 825 4.82 20.20 -34.51
CA ASN A 825 4.72 21.11 -35.65
C ASN A 825 4.17 20.40 -36.87
N ARG A 826 4.63 19.18 -37.13
CA ARG A 826 4.11 18.44 -38.27
C ARG A 826 2.66 17.99 -38.04
N LEU A 827 2.31 17.68 -36.79
CA LEU A 827 0.93 17.32 -36.48
C LEU A 827 0.00 18.50 -36.69
N THR A 828 0.38 19.67 -36.19
CA THR A 828 -0.41 20.89 -36.33
C THR A 828 -0.15 21.46 -37.72
N ARG A 829 -0.96 21.03 -38.70
CA ARG A 829 -0.83 21.51 -40.06
C ARG A 829 -2.23 21.45 -40.68
N ASP A 830 -2.86 22.61 -40.80
CA ASP A 830 -4.23 22.71 -41.32
C ASP A 830 -5.20 21.93 -40.42
N ARG A 831 -5.18 22.25 -39.13
CA ARG A 831 -6.07 21.65 -38.15
C ARG A 831 -6.44 22.70 -37.12
N THR A 832 -7.70 22.69 -36.69
CA THR A 832 -8.17 23.61 -35.66
C THR A 832 -7.61 23.18 -34.32
N VAL A 833 -6.46 23.74 -33.95
CA VAL A 833 -5.73 23.33 -32.76
C VAL A 833 -6.16 24.20 -31.59
N LEU A 834 -6.23 23.60 -30.41
CA LEU A 834 -6.51 24.30 -29.17
C LEU A 834 -5.36 24.01 -28.21
N VAL A 835 -4.36 24.88 -28.19
CA VAL A 835 -3.16 24.66 -27.39
C VAL A 835 -3.42 25.13 -25.96
N ILE A 836 -3.15 24.24 -25.01
CA ILE A 836 -3.16 24.62 -23.59
C ILE A 836 -1.81 25.26 -23.29
N ALA A 837 -1.72 26.57 -23.44
CA ALA A 837 -0.44 27.25 -23.33
C ALA A 837 0.11 27.17 -21.92
N HIS A 838 1.42 26.90 -21.83
CA HIS A 838 2.18 26.99 -20.59
C HIS A 838 3.34 27.97 -20.67
N ARG A 839 3.92 28.15 -21.86
CA ARG A 839 4.96 29.13 -22.11
C ARG A 839 4.44 30.15 -23.12
N LEU A 840 4.51 31.43 -22.76
CA LEU A 840 3.95 32.47 -23.61
C LEU A 840 4.72 32.59 -24.92
N HIS A 841 6.04 32.43 -24.88
CA HIS A 841 6.87 32.69 -26.06
C HIS A 841 6.63 31.70 -27.20
N THR A 842 5.97 30.57 -26.93
CA THR A 842 5.58 29.63 -27.99
C THR A 842 4.20 29.91 -28.56
N ILE A 843 3.54 30.98 -28.11
CA ILE A 843 2.15 31.27 -28.47
C ILE A 843 2.02 32.52 -29.34
N THR A 844 3.08 33.33 -29.48
CA THR A 844 2.96 34.64 -30.09
C THR A 844 2.48 34.57 -31.53
N HIS A 845 2.78 33.48 -32.24
CA HIS A 845 2.36 33.30 -33.61
C HIS A 845 0.95 32.72 -33.73
N ALA A 846 0.29 32.40 -32.61
CA ALA A 846 -1.02 31.79 -32.66
C ALA A 846 -2.06 32.76 -33.21
N ASP A 847 -3.10 32.21 -33.82
CA ASP A 847 -4.12 33.04 -34.46
C ASP A 847 -5.05 33.70 -33.45
N GLN A 848 -5.27 33.05 -32.30
CA GLN A 848 -6.24 33.54 -31.33
C GLN A 848 -5.77 33.17 -29.93
N ILE A 849 -5.61 34.18 -29.07
CA ILE A 849 -5.21 33.98 -27.68
C ILE A 849 -6.44 34.11 -26.81
N VAL A 850 -6.52 33.27 -25.77
CA VAL A 850 -7.62 33.28 -24.82
C VAL A 850 -7.01 33.33 -23.42
N VAL A 851 -7.30 34.40 -22.68
CA VAL A 851 -6.77 34.62 -21.34
C VAL A 851 -7.86 34.32 -20.34
N LEU A 852 -7.71 33.22 -19.61
CA LEU A 852 -8.63 32.84 -18.54
C LEU A 852 -8.00 33.17 -17.20
N ASP A 853 -8.53 34.19 -16.53
CA ASP A 853 -8.00 34.58 -15.22
C ASP A 853 -8.48 33.62 -14.14
N ASP A 854 -9.79 33.47 -14.00
CA ASP A 854 -10.36 32.52 -13.04
C ASP A 854 -11.68 32.02 -13.62
N GLY A 855 -11.61 30.89 -14.32
CA GLY A 855 -12.81 30.22 -14.79
C GLY A 855 -13.65 31.00 -15.76
N ARG A 856 -13.10 32.03 -16.39
CA ARG A 856 -13.85 32.77 -17.40
C ARG A 856 -12.91 33.58 -18.25
N ILE A 857 -13.35 33.87 -19.48
CA ILE A 857 -12.54 34.62 -20.42
C ILE A 857 -12.47 36.07 -19.98
N VAL A 858 -11.29 36.70 -20.19
CA VAL A 858 -11.06 38.09 -19.87
C VAL A 858 -10.65 38.89 -21.11
N GLU A 859 -9.70 38.35 -21.89
CA GLU A 859 -9.20 39.00 -23.09
C GLU A 859 -9.11 37.99 -24.23
N VAL A 860 -9.48 38.44 -25.43
CA VAL A 860 -9.40 37.62 -26.64
C VAL A 860 -8.81 38.48 -27.76
N GLY A 861 -7.89 37.90 -28.50
CA GLY A 861 -7.28 38.59 -29.62
C GLY A 861 -5.90 38.05 -29.88
N THR A 862 -5.27 38.60 -30.91
CA THR A 862 -3.92 38.20 -31.27
C THR A 862 -2.92 38.69 -30.22
N HIS A 863 -1.68 38.21 -30.34
CA HIS A 863 -0.65 38.57 -29.37
C HIS A 863 -0.39 40.07 -29.37
N ASP A 864 -0.27 40.67 -30.56
CA ASP A 864 -0.01 42.10 -30.64
C ASP A 864 -1.17 42.91 -30.08
N GLU A 865 -2.41 42.48 -30.34
CA GLU A 865 -3.56 43.18 -29.81
C GLU A 865 -3.59 43.15 -28.29
N LEU A 866 -3.29 41.99 -27.70
CA LEU A 866 -3.27 41.90 -26.25
C LEU A 866 -2.13 42.71 -25.64
N LEU A 867 -0.97 42.75 -26.30
CA LEU A 867 0.10 43.61 -25.82
C LEU A 867 -0.30 45.08 -25.89
N ALA A 868 -0.97 45.48 -26.97
CA ALA A 868 -1.43 46.86 -27.09
C ALA A 868 -2.48 47.20 -26.02
N ALA A 869 -3.34 46.23 -25.68
CA ALA A 869 -4.36 46.48 -24.68
C ALA A 869 -3.74 46.80 -23.32
N GLY A 870 -2.67 46.09 -22.95
CA GLY A 870 -1.99 46.38 -21.71
C GLY A 870 -2.73 45.98 -20.46
N GLY A 871 -3.63 45.00 -20.55
CA GLY A 871 -4.42 44.56 -19.42
C GLY A 871 -3.81 43.38 -18.68
N ARG A 872 -4.60 42.32 -18.52
CA ARG A 872 -4.13 41.15 -17.78
C ARG A 872 -2.98 40.46 -18.50
N TYR A 873 -3.03 40.40 -19.83
CA TYR A 873 -2.05 39.64 -20.58
C TYR A 873 -0.66 40.26 -20.48
N ARG A 874 -0.58 41.57 -20.30
CA ARG A 874 0.72 42.24 -20.25
C ARG A 874 1.54 41.78 -19.04
N GLY A 875 0.89 41.60 -17.89
CA GLY A 875 1.62 41.12 -16.72
C GLY A 875 2.19 39.73 -16.93
N LEU A 876 1.40 38.84 -17.54
CA LEU A 876 1.89 37.49 -17.84
C LEU A 876 3.04 37.55 -18.83
N TRP A 877 2.94 38.41 -19.84
CA TRP A 877 4.03 38.53 -20.81
C TRP A 877 5.30 39.05 -20.16
N ASP A 878 5.17 40.04 -19.27
CA ASP A 878 6.33 40.57 -18.57
C ASP A 878 6.95 39.50 -17.67
N SER A 879 6.11 38.70 -17.00
CA SER A 879 6.64 37.59 -16.21
C SER A 879 7.33 36.56 -17.09
N GLY A 880 6.77 36.30 -18.26
CA GLY A 880 7.36 35.36 -19.22
C GLY A 880 6.85 33.94 -19.05
N ILE B 2 11.30 -16.07 11.38
CA ILE B 2 10.11 -16.20 12.27
C ILE B 2 10.46 -15.66 13.66
N ARG B 3 11.54 -16.21 14.24
CA ARG B 3 11.99 -15.80 15.57
C ARG B 3 12.96 -14.62 15.46
N THR B 4 12.44 -13.53 14.88
CA THR B 4 13.16 -12.26 14.87
C THR B 4 12.95 -11.47 16.15
N LEU B 5 12.00 -11.89 17.00
CA LEU B 5 11.62 -11.09 18.15
C LEU B 5 12.70 -11.03 19.21
N LEU B 6 13.60 -12.03 19.26
CA LEU B 6 14.63 -12.04 20.29
C LEU B 6 15.58 -10.86 20.14
N ARG B 7 15.95 -10.53 18.90
CA ARG B 7 16.83 -9.39 18.67
C ARG B 7 16.14 -8.05 18.79
N LEU B 8 14.80 -8.01 18.79
CA LEU B 8 14.10 -6.73 18.87
C LEU B 8 14.17 -6.15 20.27
N VAL B 9 14.03 -6.99 21.30
CA VAL B 9 13.98 -6.48 22.67
C VAL B 9 15.35 -5.91 23.04
N PRO B 10 15.43 -4.77 23.73
CA PRO B 10 16.75 -4.25 24.10
C PRO B 10 17.40 -5.10 25.19
N ALA B 11 18.71 -4.92 25.33
CA ALA B 11 19.47 -5.66 26.33
C ALA B 11 19.05 -5.32 27.76
N GLU B 12 18.43 -4.14 27.97
CA GLU B 12 17.99 -3.77 29.31
C GLU B 12 16.94 -4.72 29.84
N LYS B 13 15.98 -5.10 29.00
CA LYS B 13 14.85 -5.93 29.40
C LYS B 13 15.12 -7.41 29.29
N ARG B 14 16.38 -7.83 29.08
CA ARG B 14 16.66 -9.25 28.89
C ARG B 14 16.35 -10.05 30.15
N GLY B 15 16.64 -9.48 31.32
CA GLY B 15 16.24 -10.14 32.56
C GLY B 15 14.73 -10.25 32.68
N ALA B 16 14.00 -9.21 32.26
CA ALA B 16 12.55 -9.29 32.25
C ALA B 16 12.05 -10.36 31.27
N VAL B 17 12.76 -10.56 30.15
CA VAL B 17 12.37 -11.62 29.23
C VAL B 17 12.54 -12.99 29.89
N ALA B 18 13.64 -13.18 30.62
CA ALA B 18 13.84 -14.44 31.32
C ALA B 18 12.76 -14.67 32.37
N GLY B 19 12.42 -13.63 33.13
CA GLY B 19 11.34 -13.75 34.10
C GLY B 19 10.02 -14.08 33.43
N TYR B 20 9.74 -13.43 32.29
CA TYR B 20 8.51 -13.71 31.56
C TYR B 20 8.47 -15.15 31.08
N ALA B 21 9.59 -15.66 30.56
CA ALA B 21 9.61 -17.04 30.08
C ALA B 21 9.40 -18.02 31.23
N VAL B 22 10.07 -17.80 32.36
CA VAL B 22 9.90 -18.69 33.51
C VAL B 22 8.46 -18.67 33.99
N LEU B 23 7.87 -17.48 34.08
CA LEU B 23 6.50 -17.39 34.57
C LEU B 23 5.51 -17.95 33.56
N THR B 24 5.78 -17.86 32.27
CA THR B 24 4.91 -18.51 31.29
C THR B 24 4.97 -20.02 31.43
N LEU B 25 6.17 -20.57 31.63
CA LEU B 25 6.25 -22.01 31.87
C LEU B 25 5.50 -22.39 33.14
N LEU B 26 5.61 -21.59 34.19
CA LEU B 26 4.88 -21.86 35.42
C LEU B 26 3.37 -21.80 35.18
N SER B 27 2.91 -20.83 34.41
CA SER B 27 1.49 -20.72 34.10
C SER B 27 1.00 -21.95 33.35
N VAL B 28 1.78 -22.41 32.38
CA VAL B 28 1.40 -23.61 31.64
C VAL B 28 1.34 -24.82 32.56
N LEU B 29 2.32 -24.96 33.46
CA LEU B 29 2.31 -26.09 34.39
C LEU B 29 1.10 -26.03 35.31
N LEU B 30 0.76 -24.84 35.80
CA LEU B 30 -0.41 -24.70 36.67
C LEU B 30 -1.69 -25.02 35.92
N ARG B 31 -1.81 -24.59 34.67
CA ARG B 31 -2.99 -24.92 33.88
C ARG B 31 -3.09 -26.42 33.66
N ALA B 32 -1.95 -27.07 33.37
CA ALA B 32 -1.97 -28.52 33.16
C ALA B 32 -2.34 -29.26 34.43
N VAL B 33 -1.84 -28.82 35.58
CA VAL B 33 -2.21 -29.45 36.84
C VAL B 33 -3.70 -29.22 37.13
N GLY B 34 -4.22 -28.04 36.77
CA GLY B 34 -5.64 -27.81 36.92
C GLY B 34 -6.47 -28.73 36.05
N ALA B 35 -6.04 -28.95 34.82
CA ALA B 35 -6.77 -29.86 33.94
C ALA B 35 -6.68 -31.30 34.44
N VAL B 36 -5.48 -31.75 34.80
CA VAL B 36 -5.30 -33.12 35.26
C VAL B 36 -5.97 -33.36 36.60
N LEU B 37 -6.17 -32.32 37.41
CA LEU B 37 -6.85 -32.49 38.69
C LEU B 37 -8.31 -32.87 38.54
N LEU B 38 -8.88 -32.77 37.33
CA LEU B 38 -10.23 -33.26 37.11
C LEU B 38 -10.32 -34.78 37.16
N ILE B 39 -9.20 -35.50 37.14
CA ILE B 39 -9.25 -36.96 37.25
C ILE B 39 -9.78 -37.39 38.61
N PRO B 40 -9.11 -37.09 39.74
CA PRO B 40 -9.66 -37.51 41.04
C PRO B 40 -10.93 -36.77 41.42
N LEU B 41 -11.01 -35.49 41.02
CA LEU B 41 -12.17 -34.68 41.38
C LEU B 41 -13.44 -35.25 40.77
N LEU B 42 -13.44 -35.49 39.46
CA LEU B 42 -14.62 -36.05 38.82
C LEU B 42 -14.77 -37.54 39.13
N ALA B 43 -13.67 -38.23 39.44
CA ALA B 43 -13.80 -39.62 39.85
C ALA B 43 -14.58 -39.73 41.16
N ALA B 44 -14.30 -38.84 42.11
CA ALA B 44 -15.05 -38.85 43.36
C ALA B 44 -16.44 -38.24 43.20
N LEU B 45 -16.57 -37.24 42.32
CA LEU B 45 -17.85 -36.56 42.16
C LEU B 45 -18.93 -37.50 41.61
N PHE B 46 -18.58 -38.32 40.62
CA PHE B 46 -19.52 -39.25 40.03
C PHE B 46 -19.64 -40.56 40.78
N SER B 47 -18.86 -40.76 41.85
CA SER B 47 -18.92 -41.99 42.64
C SER B 47 -20.14 -41.93 43.56
N ASP B 48 -20.25 -42.92 44.45
CA ASP B 48 -21.36 -42.98 45.39
C ASP B 48 -21.18 -42.04 46.58
N THR B 49 -20.03 -41.38 46.73
CA THR B 49 -19.74 -40.47 47.84
C THR B 49 -19.19 -39.17 47.26
N PRO B 50 -20.05 -38.28 46.76
CA PRO B 50 -19.54 -37.00 46.23
C PRO B 50 -18.85 -36.12 47.26
N SER B 51 -19.07 -36.35 48.55
CA SER B 51 -18.44 -35.52 49.58
C SER B 51 -16.93 -35.64 49.57
N ASP B 52 -16.37 -36.70 48.98
CA ASP B 52 -14.92 -36.82 48.85
C ASP B 52 -14.33 -35.85 47.84
N ALA B 53 -15.16 -35.17 47.05
CA ALA B 53 -14.66 -34.22 46.05
C ALA B 53 -14.19 -32.91 46.65
N TRP B 54 -14.40 -32.67 47.95
CA TRP B 54 -14.03 -31.38 48.52
C TRP B 54 -12.52 -31.19 48.54
N LEU B 55 -11.76 -32.24 48.85
CA LEU B 55 -10.30 -32.11 48.92
C LEU B 55 -9.72 -31.74 47.56
N TRP B 56 -10.19 -32.40 46.51
CA TRP B 56 -9.65 -32.13 45.19
C TRP B 56 -10.15 -30.81 44.64
N LEU B 57 -11.35 -30.36 45.04
CA LEU B 57 -11.78 -29.02 44.71
C LEU B 57 -10.90 -27.98 45.41
N GLY B 58 -10.50 -28.26 46.65
CA GLY B 58 -9.58 -27.37 47.33
C GLY B 58 -8.23 -27.30 46.64
N TRP B 59 -7.72 -28.45 46.18
CA TRP B 59 -6.47 -28.43 45.43
C TRP B 59 -6.63 -27.68 44.11
N LEU B 60 -7.78 -27.84 43.44
CA LEU B 60 -8.00 -27.13 42.19
C LEU B 60 -8.05 -25.63 42.40
N THR B 61 -8.74 -25.18 43.44
CA THR B 61 -8.82 -23.74 43.71
C THR B 61 -7.57 -23.20 44.39
N ALA B 62 -6.65 -24.07 44.83
CA ALA B 62 -5.32 -23.63 45.21
C ALA B 62 -4.43 -23.47 43.99
N VAL B 63 -4.54 -24.38 43.02
CA VAL B 63 -3.82 -24.21 41.75
C VAL B 63 -4.31 -22.95 41.04
N THR B 64 -5.62 -22.75 41.02
CA THR B 64 -6.16 -21.44 40.71
C THR B 64 -5.85 -20.49 41.86
N LEU B 65 -5.80 -19.20 41.53
CA LEU B 65 -5.27 -18.09 42.31
C LEU B 65 -3.74 -18.05 42.29
N ALA B 66 -3.10 -19.21 42.09
CA ALA B 66 -1.70 -19.21 41.69
C ALA B 66 -1.59 -19.03 40.20
N GLY B 67 -2.53 -19.63 39.46
CA GLY B 67 -2.67 -19.30 38.06
C GLY B 67 -2.94 -17.83 37.85
N TRP B 68 -3.80 -17.23 38.69
CA TRP B 68 -4.08 -15.80 38.56
C TRP B 68 -2.84 -14.96 38.88
N VAL B 69 -2.11 -15.30 39.95
CA VAL B 69 -0.91 -14.53 40.28
C VAL B 69 0.10 -14.60 39.14
N THR B 70 0.37 -15.82 38.65
CA THR B 70 1.35 -15.99 37.60
C THR B 70 0.90 -15.31 36.31
N ASP B 71 -0.38 -15.42 35.97
CA ASP B 71 -0.86 -14.80 34.73
C ASP B 71 -0.84 -13.28 34.84
N THR B 72 -1.13 -12.74 36.03
CA THR B 72 -1.02 -11.30 36.23
C THR B 72 0.42 -10.85 36.02
N ASN B 73 1.38 -11.59 36.59
CA ASN B 73 2.78 -11.21 36.41
C ASN B 73 3.21 -11.32 34.96
N THR B 74 2.81 -12.39 34.26
CA THR B 74 3.19 -12.52 32.85
C THR B 74 2.56 -11.45 32.01
N ALA B 75 1.32 -11.06 32.31
CA ALA B 75 0.68 -10.00 31.52
C ALA B 75 1.32 -8.65 31.80
N ARG B 76 1.71 -8.38 33.05
CA ARG B 76 2.39 -7.14 33.36
C ARG B 76 3.73 -7.07 32.63
N LEU B 77 4.52 -8.14 32.71
CA LEU B 77 5.77 -8.20 31.95
C LEU B 77 5.51 -8.14 30.46
N GLY B 78 4.37 -8.66 29.99
CA GLY B 78 4.07 -8.58 28.58
C GLY B 78 3.84 -7.14 28.13
N PHE B 79 3.06 -6.39 28.89
CA PHE B 79 2.84 -4.98 28.54
C PHE B 79 4.15 -4.20 28.60
N ASP B 80 4.96 -4.45 29.63
CA ASP B 80 6.24 -3.77 29.76
C ASP B 80 7.14 -4.06 28.55
N LEU B 81 7.29 -5.35 28.22
CA LEU B 81 8.13 -5.73 27.09
C LEU B 81 7.56 -5.23 25.77
N GLY B 82 6.23 -5.17 25.64
CA GLY B 82 5.65 -4.65 24.41
C GLY B 82 5.99 -3.19 24.20
N PHE B 83 5.84 -2.37 25.25
CA PHE B 83 6.20 -0.97 25.13
C PHE B 83 7.69 -0.80 24.86
N ALA B 84 8.53 -1.58 25.57
CA ALA B 84 9.97 -1.48 25.36
C ALA B 84 10.35 -1.87 23.94
N VAL B 85 9.76 -2.94 23.42
CA VAL B 85 10.06 -3.37 22.05
C VAL B 85 9.59 -2.33 21.05
N LEU B 86 8.42 -1.73 21.28
CA LEU B 86 7.94 -0.68 20.39
C LEU B 86 8.95 0.46 20.32
N SER B 87 9.36 0.99 21.47
CA SER B 87 10.29 2.11 21.49
C SER B 87 11.62 1.73 20.85
N ARG B 88 12.18 0.58 21.25
CA ARG B 88 13.50 0.18 20.78
C ARG B 88 13.50 -0.06 19.28
N THR B 89 12.50 -0.79 18.77
CA THR B 89 12.47 -1.10 17.35
C THR B 89 12.24 0.16 16.52
N GLN B 90 11.34 1.05 16.97
CA GLN B 90 11.09 2.26 16.20
C GLN B 90 12.35 3.13 16.14
N HIS B 91 13.06 3.27 17.27
CA HIS B 91 14.26 4.10 17.26
C HIS B 91 15.38 3.46 16.45
N ASP B 92 15.54 2.13 16.55
CA ASP B 92 16.57 1.47 15.76
C ASP B 92 16.27 1.56 14.28
N MET B 93 15.00 1.43 13.89
CA MET B 93 14.63 1.56 12.49
C MET B 93 14.85 2.97 11.99
N ALA B 94 14.55 3.97 12.82
CA ALA B 94 14.79 5.36 12.43
C ALA B 94 16.29 5.63 12.28
N ASP B 95 17.12 5.05 13.15
CA ASP B 95 18.55 5.27 13.05
C ASP B 95 19.16 4.53 11.85
N ARG B 96 18.61 3.36 11.51
CA ARG B 96 19.18 2.57 10.43
C ARG B 96 19.02 3.26 9.09
N LEU B 97 17.84 3.82 8.81
CA LEU B 97 17.52 4.27 7.47
C LEU B 97 18.44 5.34 6.91
N PRO B 98 18.85 6.38 7.66
CA PRO B 98 19.76 7.38 7.08
C PRO B 98 21.07 6.81 6.58
N ASN B 99 21.54 5.71 7.16
CA ASN B 99 22.79 5.08 6.73
C ASN B 99 22.58 4.04 5.64
N VAL B 100 21.36 3.84 5.16
CA VAL B 100 21.09 2.89 4.08
C VAL B 100 21.47 3.52 2.75
N ALA B 101 22.09 2.73 1.88
CA ALA B 101 22.43 3.19 0.55
C ALA B 101 21.17 3.56 -0.23
N MET B 102 21.29 4.60 -1.05
CA MET B 102 20.12 5.09 -1.79
C MET B 102 19.63 4.08 -2.83
N SER B 103 20.48 3.14 -3.25
CA SER B 103 20.03 2.12 -4.20
C SER B 103 18.96 1.23 -3.60
N TRP B 104 18.97 1.04 -2.27
CA TRP B 104 17.99 0.17 -1.64
C TRP B 104 16.58 0.74 -1.71
N PHE B 105 16.44 2.07 -1.82
CA PHE B 105 15.13 2.72 -1.75
C PHE B 105 14.36 2.52 -3.06
N THR B 106 14.00 1.28 -3.32
CA THR B 106 13.07 0.96 -4.38
C THR B 106 11.68 1.45 -3.99
N PRO B 107 10.79 1.73 -4.95
CA PRO B 107 9.41 2.08 -4.54
C PRO B 107 8.73 1.01 -3.69
N ASP B 108 8.95 -0.27 -3.99
CA ASP B 108 8.42 -1.31 -3.12
C ASP B 108 9.14 -1.32 -1.78
N ASN B 109 10.46 -1.14 -1.78
CA ASN B 109 11.20 -1.05 -0.53
C ASN B 109 10.76 0.16 0.28
N THR B 110 10.54 1.30 -0.38
CA THR B 110 10.05 2.48 0.32
C THR B 110 8.65 2.23 0.89
N ALA B 111 7.80 1.53 0.15
CA ALA B 111 6.47 1.22 0.65
C ALA B 111 6.55 0.34 1.89
N THR B 112 7.40 -0.69 1.86
CA THR B 112 7.54 -1.56 3.03
C THR B 112 8.11 -0.80 4.22
N ALA B 113 9.08 0.09 3.97
CA ALA B 113 9.62 0.90 5.07
C ALA B 113 8.57 1.82 5.66
N ARG B 114 7.75 2.45 4.82
CA ARG B 114 6.69 3.31 5.32
C ARG B 114 5.68 2.52 6.13
N GLN B 115 5.31 1.32 5.66
CA GLN B 115 4.39 0.48 6.41
C GLN B 115 5.00 0.06 7.74
N ALA B 116 6.29 -0.29 7.75
CA ALA B 116 6.95 -0.70 8.98
C ALA B 116 6.98 0.43 10.00
N ILE B 117 7.27 1.65 9.54
CA ILE B 117 7.34 2.77 10.46
C ILE B 117 5.95 3.14 10.96
N ALA B 118 4.95 3.09 10.08
CA ALA B 118 3.62 3.60 10.41
C ALA B 118 2.71 2.54 11.02
N ALA B 119 2.49 1.42 10.30
CA ALA B 119 1.50 0.44 10.72
C ALA B 119 1.90 -0.32 11.97
N THR B 120 3.18 -0.30 12.35
CA THR B 120 3.67 -1.06 13.49
C THR B 120 3.68 -0.25 14.77
N GLY B 121 2.85 0.78 14.88
CA GLY B 121 2.79 1.59 16.06
C GLY B 121 2.13 0.87 17.21
N PRO B 122 0.83 0.57 17.08
CA PRO B 122 0.11 -0.09 18.18
C PRO B 122 0.24 -1.59 18.20
N GLU B 123 0.64 -2.23 17.10
CA GLU B 123 0.78 -3.69 17.08
C GLU B 123 1.85 -4.13 18.07
N LEU B 124 3.05 -3.55 17.97
CA LEU B 124 4.15 -3.98 18.84
C LEU B 124 3.90 -3.63 20.30
N ALA B 125 2.97 -2.71 20.59
CA ALA B 125 2.68 -2.37 21.97
C ALA B 125 2.10 -3.57 22.71
N GLY B 126 1.23 -4.32 22.05
CA GLY B 126 0.58 -5.47 22.65
C GLY B 126 0.85 -6.77 21.90
N LEU B 127 1.93 -6.81 21.13
CA LEU B 127 2.26 -8.04 20.40
C LEU B 127 2.50 -9.19 21.36
N VAL B 128 3.39 -8.99 22.33
CA VAL B 128 3.76 -10.09 23.22
C VAL B 128 2.59 -10.50 24.11
N VAL B 129 1.68 -9.57 24.44
CA VAL B 129 0.57 -9.89 25.33
C VAL B 129 -0.63 -10.47 24.60
N ASN B 130 -0.83 -10.15 23.32
CA ASN B 130 -1.95 -10.66 22.55
C ASN B 130 -1.63 -11.89 21.71
N LEU B 131 -0.36 -12.09 21.34
CA LEU B 131 0.03 -13.21 20.49
C LEU B 131 0.97 -14.18 21.22
N LEU B 132 2.09 -13.71 21.76
CA LEU B 132 3.09 -14.64 22.28
C LEU B 132 2.57 -15.41 23.49
N THR B 133 1.93 -14.73 24.43
CA THR B 133 1.45 -15.42 25.61
C THR B 133 0.33 -16.42 25.30
N PRO B 134 -0.75 -16.04 24.61
CA PRO B 134 -1.75 -17.07 24.24
C PRO B 134 -1.18 -18.18 23.38
N LEU B 135 -0.31 -17.85 22.43
CA LEU B 135 0.23 -18.86 21.54
C LEU B 135 1.10 -19.85 22.31
N ILE B 136 1.98 -19.34 23.18
CA ILE B 136 2.86 -20.22 23.95
C ILE B 136 2.04 -21.07 24.91
N GLY B 137 1.06 -20.46 25.58
CA GLY B 137 0.22 -21.23 26.49
C GLY B 137 -0.53 -22.36 25.78
N ALA B 138 -1.12 -22.04 24.63
CA ALA B 138 -1.88 -23.05 23.91
C ALA B 138 -0.96 -24.11 23.29
N ALA B 139 0.27 -23.74 22.92
CA ALA B 139 1.18 -24.71 22.34
C ALA B 139 1.72 -25.67 23.38
N LEU B 140 2.06 -25.17 24.56
CA LEU B 140 2.67 -25.99 25.59
C LEU B 140 1.66 -26.67 26.51
N LEU B 141 0.39 -26.24 26.51
CA LEU B 141 -0.57 -26.87 27.42
C LEU B 141 -0.85 -28.33 27.07
N PRO B 142 -1.10 -28.71 25.82
CA PRO B 142 -1.30 -30.16 25.54
C PRO B 142 -0.13 -31.02 25.93
N ALA B 143 1.10 -30.58 25.64
CA ALA B 143 2.27 -31.33 26.09
C ALA B 143 2.39 -31.28 27.61
N ALA B 144 2.00 -30.17 28.24
CA ALA B 144 2.06 -30.09 29.69
C ALA B 144 1.06 -31.05 30.34
N ILE B 145 -0.12 -31.20 29.73
CA ILE B 145 -1.07 -32.20 30.23
C ILE B 145 -0.55 -33.60 29.98
N GLY B 146 0.11 -33.81 28.84
CA GLY B 146 0.69 -35.11 28.58
C GLY B 146 1.74 -35.50 29.59
N VAL B 147 2.61 -34.56 29.95
CA VAL B 147 3.62 -34.83 30.97
C VAL B 147 2.97 -35.03 32.33
N ALA B 148 1.99 -34.19 32.68
CA ALA B 148 1.36 -34.29 33.99
C ALA B 148 0.56 -35.57 34.14
N LEU B 149 0.06 -36.12 33.04
CA LEU B 149 -0.66 -37.40 33.09
C LEU B 149 0.26 -38.58 33.38
N LEU B 150 1.58 -38.40 33.31
CA LEU B 150 2.49 -39.48 33.68
C LEU B 150 2.31 -39.86 35.15
N PHE B 151 2.11 -38.87 36.01
CA PHE B 151 1.91 -39.16 37.42
C PHE B 151 0.61 -39.92 37.66
N VAL B 152 -0.45 -39.56 36.92
CA VAL B 152 -1.71 -40.30 37.03
C VAL B 152 -1.51 -41.73 36.56
N SER B 153 -0.86 -41.91 35.41
CA SER B 153 -0.57 -43.24 34.89
C SER B 153 0.46 -43.15 33.76
N VAL B 154 1.47 -44.01 33.82
CA VAL B 154 2.57 -43.92 32.84
C VAL B 154 2.10 -44.17 31.42
N PRO B 155 1.41 -45.28 31.10
CA PRO B 155 1.01 -45.48 29.69
C PRO B 155 0.06 -44.42 29.18
N LEU B 156 -0.87 -43.95 30.02
CA LEU B 156 -1.80 -42.91 29.60
C LEU B 156 -1.05 -41.62 29.29
N GLY B 157 -0.12 -41.24 30.17
CA GLY B 157 0.65 -40.03 29.93
C GLY B 157 1.53 -40.14 28.69
N LEU B 158 2.15 -41.30 28.48
CA LEU B 158 2.97 -41.48 27.29
C LEU B 158 2.13 -41.40 26.03
N ALA B 159 0.94 -42.02 26.02
CA ALA B 159 0.07 -41.93 24.86
C ALA B 159 -0.38 -40.50 24.61
N ALA B 160 -0.75 -39.78 25.67
CA ALA B 160 -1.20 -38.40 25.51
C ALA B 160 -0.08 -37.52 24.99
N LEU B 161 1.15 -37.76 25.44
CA LEU B 161 2.28 -36.95 24.99
C LEU B 161 2.68 -37.31 23.56
N ALA B 162 2.54 -38.58 23.17
CA ALA B 162 2.86 -38.97 21.80
C ALA B 162 1.80 -38.53 20.81
N GLY B 163 0.55 -38.39 21.25
CA GLY B 163 -0.51 -37.94 20.37
C GLY B 163 -0.46 -36.47 20.03
N VAL B 164 0.36 -35.69 20.75
CA VAL B 164 0.44 -34.26 20.47
C VAL B 164 1.10 -34.01 19.12
N ALA B 165 2.07 -34.85 18.75
CA ALA B 165 2.76 -34.69 17.47
C ALA B 165 1.80 -34.91 16.31
N VAL B 166 0.92 -35.90 16.41
CA VAL B 166 -0.03 -36.17 15.35
C VAL B 166 -0.98 -35.00 15.16
N LEU B 167 -1.50 -34.46 16.27
CA LEU B 167 -2.42 -33.34 16.17
C LEU B 167 -1.73 -32.08 15.68
N PHE B 168 -0.49 -31.85 16.08
CA PHE B 168 0.24 -30.69 15.54
C PHE B 168 0.52 -30.87 14.05
N GLY B 169 0.81 -32.09 13.61
CA GLY B 169 0.96 -32.33 12.19
C GLY B 169 -0.32 -32.07 11.42
N ALA B 170 -1.45 -32.51 11.98
CA ALA B 170 -2.73 -32.23 11.35
C ALA B 170 -3.01 -30.73 11.28
N LEU B 171 -2.69 -30.01 12.36
CA LEU B 171 -2.88 -28.56 12.37
C LEU B 171 -2.01 -27.88 11.33
N ALA B 172 -0.74 -28.32 11.21
CA ALA B 172 0.15 -27.75 10.20
C ALA B 172 -0.36 -28.03 8.80
N LEU B 173 -0.85 -29.26 8.57
CA LEU B 173 -1.39 -29.59 7.25
C LEU B 173 -2.62 -28.74 6.93
N SER B 174 -3.49 -28.53 7.93
CA SER B 174 -4.66 -27.68 7.72
C SER B 174 -4.26 -26.26 7.38
N GLY B 175 -3.30 -25.70 8.12
CA GLY B 175 -2.83 -24.36 7.82
C GLY B 175 -2.22 -24.27 6.43
N ARG B 176 -1.46 -25.29 6.05
CA ARG B 176 -0.85 -25.31 4.72
C ARG B 176 -1.90 -25.32 3.63
N LEU B 177 -2.93 -26.17 3.79
CA LEU B 177 -4.00 -26.25 2.81
C LEU B 177 -4.76 -24.92 2.72
N SER B 178 -5.05 -24.32 3.87
CA SER B 178 -5.78 -23.05 3.87
C SER B 178 -4.98 -21.95 3.19
N ARG B 179 -3.67 -21.87 3.49
CA ARG B 179 -2.83 -20.86 2.86
C ARG B 179 -2.75 -21.07 1.37
N ALA B 180 -2.60 -22.33 0.93
CA ALA B 180 -2.53 -22.62 -0.50
C ALA B 180 -3.83 -22.24 -1.20
N ALA B 181 -4.97 -22.54 -0.58
CA ALA B 181 -6.25 -22.21 -1.18
C ALA B 181 -6.42 -20.70 -1.30
N ASP B 182 -6.06 -19.95 -0.25
CA ASP B 182 -6.19 -18.49 -0.31
C ASP B 182 -5.27 -17.91 -1.38
N LYS B 183 -4.03 -18.41 -1.46
CA LYS B 183 -3.10 -17.92 -2.46
C LYS B 183 -3.61 -18.21 -3.87
N VAL B 184 -4.14 -19.41 -4.10
CA VAL B 184 -4.65 -19.76 -5.42
C VAL B 184 -5.86 -18.89 -5.76
N ALA B 185 -6.73 -18.63 -4.79
CA ALA B 185 -7.88 -17.77 -5.05
C ALA B 185 -7.43 -16.36 -5.44
N GLY B 186 -6.47 -15.80 -4.71
CA GLY B 186 -5.98 -14.49 -5.05
C GLY B 186 -5.32 -14.44 -6.42
N GLU B 187 -4.50 -15.46 -6.73
CA GLU B 187 -3.83 -15.49 -8.03
C GLU B 187 -4.85 -15.61 -9.17
N THR B 188 -5.86 -16.46 -9.00
CA THR B 188 -6.86 -16.62 -10.04
C THR B 188 -7.66 -15.33 -10.24
N ASN B 189 -8.03 -14.66 -9.14
CA ASN B 189 -8.75 -13.41 -9.29
C ASN B 189 -7.90 -12.35 -9.97
N SER B 190 -6.62 -12.27 -9.62
CA SER B 190 -5.74 -11.31 -10.27
C SER B 190 -5.59 -11.62 -11.76
N ALA B 191 -5.48 -12.90 -12.10
CA ALA B 191 -5.38 -13.28 -13.51
C ALA B 191 -6.66 -12.91 -14.26
N PHE B 192 -7.81 -13.13 -13.64
CA PHE B 192 -9.08 -12.78 -14.28
C PHE B 192 -9.18 -11.27 -14.52
N THR B 193 -8.79 -10.47 -13.52
CA THR B 193 -8.98 -9.03 -13.60
C THR B 193 -7.84 -8.30 -14.30
N GLU B 194 -6.73 -8.97 -14.63
CA GLU B 194 -5.61 -8.27 -15.24
C GLU B 194 -5.97 -7.72 -16.61
N ARG B 195 -6.90 -8.37 -17.33
CA ARG B 195 -7.37 -7.83 -18.59
C ARG B 195 -8.06 -6.49 -18.40
N ILE B 196 -8.92 -6.40 -17.38
CA ILE B 196 -9.70 -5.17 -17.17
C ILE B 196 -8.79 -4.03 -16.74
N ILE B 197 -7.74 -4.34 -15.98
CA ILE B 197 -6.81 -3.28 -15.57
C ILE B 197 -6.12 -2.68 -16.78
N GLU B 198 -5.69 -3.53 -17.72
CA GLU B 198 -5.12 -3.02 -18.95
C GLU B 198 -6.15 -2.23 -19.75
N PHE B 199 -7.39 -2.72 -19.80
CA PHE B 199 -8.43 -2.04 -20.56
C PHE B 199 -8.76 -0.67 -19.98
N ALA B 200 -8.62 -0.51 -18.67
CA ALA B 200 -8.88 0.77 -18.01
C ALA B 200 -7.68 1.70 -18.06
N ARG B 201 -6.47 1.15 -17.97
CA ARG B 201 -5.27 1.98 -18.02
C ARG B 201 -5.15 2.67 -19.37
N THR B 202 -5.37 1.92 -20.45
CA THR B 202 -5.23 2.44 -21.82
C THR B 202 -6.55 2.93 -22.39
N GLN B 203 -7.47 3.38 -21.54
CA GLN B 203 -8.81 3.70 -22.02
C GLN B 203 -8.81 4.91 -22.96
N GLN B 204 -7.95 5.90 -22.69
CA GLN B 204 -7.92 7.07 -23.57
C GLN B 204 -7.48 6.70 -24.98
N ALA B 205 -6.46 5.84 -25.09
CA ALA B 205 -5.97 5.45 -26.41
C ALA B 205 -7.01 4.65 -27.18
N LEU B 206 -7.68 3.71 -26.50
CA LEU B 206 -8.72 2.92 -27.16
C LEU B 206 -9.88 3.80 -27.59
N ARG B 207 -10.32 4.71 -26.71
CA ARG B 207 -11.46 5.54 -27.01
C ARG B 207 -11.16 6.50 -28.15
N ALA B 208 -10.01 7.17 -28.09
CA ALA B 208 -9.66 8.16 -29.11
C ALA B 208 -9.45 7.51 -30.48
N ALA B 209 -9.00 6.26 -30.51
CA ALA B 209 -8.75 5.55 -31.74
C ALA B 209 -9.97 4.79 -32.24
N ARG B 210 -11.13 4.95 -31.59
CA ARG B 210 -12.38 4.28 -31.98
C ARG B 210 -12.30 2.77 -31.87
N ARG B 211 -11.39 2.26 -31.05
CA ARG B 211 -11.21 0.83 -30.84
C ARG B 211 -11.86 0.33 -29.56
N VAL B 212 -12.68 1.15 -28.90
CA VAL B 212 -13.20 0.77 -27.59
C VAL B 212 -14.13 -0.42 -27.70
N GLU B 213 -14.92 -0.49 -28.77
CA GLU B 213 -15.89 -1.58 -28.88
C GLU B 213 -15.23 -2.90 -29.25
N PRO B 214 -14.36 -2.98 -30.28
CA PRO B 214 -13.61 -4.23 -30.48
C PRO B 214 -12.78 -4.65 -29.28
N ALA B 215 -12.15 -3.71 -28.60
CA ALA B 215 -11.35 -4.05 -27.43
C ALA B 215 -12.23 -4.60 -26.32
N ARG B 216 -13.39 -3.98 -26.09
CA ARG B 216 -14.31 -4.47 -25.08
C ARG B 216 -14.81 -5.86 -25.42
N SER B 217 -15.13 -6.10 -26.71
CA SER B 217 -15.58 -7.43 -27.10
C SER B 217 -14.49 -8.47 -26.89
N GLN B 218 -13.25 -8.13 -27.22
CA GLN B 218 -12.15 -9.06 -27.01
C GLN B 218 -11.97 -9.37 -25.53
N VAL B 219 -12.02 -8.34 -24.68
CA VAL B 219 -11.85 -8.56 -23.24
C VAL B 219 -13.00 -9.40 -22.70
N GLY B 220 -14.22 -9.14 -23.16
CA GLY B 220 -15.36 -9.92 -22.71
C GLY B 220 -15.26 -11.37 -23.12
N SER B 221 -14.83 -11.62 -24.36
CA SER B 221 -14.65 -13.00 -24.80
C SER B 221 -13.59 -13.71 -23.98
N ALA B 222 -12.47 -13.02 -23.70
CA ALA B 222 -11.43 -13.61 -22.89
C ALA B 222 -11.93 -13.94 -21.48
N LEU B 223 -12.69 -13.02 -20.89
CA LEU B 223 -13.25 -13.26 -19.56
C LEU B 223 -14.20 -14.44 -19.58
N ALA B 224 -15.03 -14.55 -20.62
CA ALA B 224 -15.96 -15.66 -20.71
C ALA B 224 -15.22 -17.00 -20.81
N ALA B 225 -14.19 -17.04 -21.65
CA ALA B 225 -13.43 -18.28 -21.80
C ALA B 225 -12.73 -18.66 -20.49
N GLN B 226 -12.11 -17.68 -19.83
CA GLN B 226 -11.44 -17.97 -18.56
C GLN B 226 -12.44 -18.42 -17.50
N HIS B 227 -13.62 -17.79 -17.46
CA HIS B 227 -14.63 -18.20 -16.48
C HIS B 227 -15.10 -19.61 -16.74
N GLY B 228 -15.34 -19.97 -18.00
CA GLY B 228 -15.73 -21.34 -18.30
C GLY B 228 -14.68 -22.35 -17.90
N ALA B 229 -13.41 -22.06 -18.23
CA ALA B 229 -12.33 -22.98 -17.87
C ALA B 229 -12.20 -23.10 -16.35
N GLY B 230 -12.31 -21.98 -15.64
CA GLY B 230 -12.20 -22.03 -14.18
C GLY B 230 -13.34 -22.76 -13.52
N LEU B 231 -14.56 -22.58 -14.05
CA LEU B 231 -15.72 -23.24 -13.47
C LEU B 231 -15.75 -24.72 -13.79
N ARG B 232 -15.14 -25.15 -14.89
CA ARG B 232 -15.12 -26.57 -15.21
C ARG B 232 -14.28 -27.37 -14.20
N LEU B 233 -13.23 -26.75 -13.65
CA LEU B 233 -12.28 -27.50 -12.83
C LEU B 233 -12.69 -27.57 -11.36
N LEU B 234 -13.77 -26.91 -10.94
CA LEU B 234 -14.20 -27.02 -9.55
C LEU B 234 -14.63 -28.44 -9.24
N THR B 235 -14.18 -28.95 -8.09
CA THR B 235 -14.45 -30.33 -7.70
C THR B 235 -14.44 -30.42 -6.19
N MET B 236 -14.92 -31.56 -5.68
CA MET B 236 -15.02 -31.77 -4.24
C MET B 236 -13.67 -31.63 -3.55
N GLN B 237 -13.61 -30.77 -2.53
CA GLN B 237 -12.39 -30.51 -1.80
C GLN B 237 -12.76 -30.07 -0.39
N ILE B 238 -12.15 -30.70 0.61
CA ILE B 238 -12.39 -30.36 2.02
C ILE B 238 -11.49 -29.17 2.35
N PRO B 239 -12.01 -28.03 2.81
CA PRO B 239 -11.11 -26.93 3.21
C PRO B 239 -10.21 -27.32 4.36
N GLY B 240 -9.18 -26.51 4.58
CA GLY B 240 -8.26 -26.78 5.67
C GLY B 240 -8.93 -26.72 7.03
N GLN B 241 -9.71 -25.67 7.27
CA GLN B 241 -10.38 -25.52 8.56
C GLN B 241 -11.36 -26.66 8.80
N VAL B 242 -12.13 -27.02 7.78
CA VAL B 242 -13.07 -28.13 7.90
C VAL B 242 -12.32 -29.42 8.18
N LEU B 243 -11.18 -29.61 7.51
CA LEU B 243 -10.39 -30.82 7.73
C LEU B 243 -9.89 -30.88 9.16
N PHE B 244 -9.44 -29.74 9.71
CA PHE B 244 -8.93 -29.77 11.08
C PHE B 244 -10.06 -30.00 12.08
N SER B 245 -11.23 -29.40 11.86
CA SER B 245 -12.35 -29.66 12.75
C SER B 245 -12.75 -31.13 12.68
N LEU B 246 -12.72 -31.72 11.49
CA LEU B 246 -13.00 -33.14 11.34
C LEU B 246 -11.97 -33.97 12.12
N ALA B 247 -10.69 -33.59 12.03
CA ALA B 247 -9.65 -34.31 12.75
C ALA B 247 -9.86 -34.22 14.25
N GLY B 248 -10.21 -33.03 14.75
CA GLY B 248 -10.46 -32.88 16.17
C GLY B 248 -11.63 -33.71 16.66
N GLN B 249 -12.73 -33.68 15.92
CA GLN B 249 -13.90 -34.48 16.29
C GLN B 249 -13.57 -35.97 16.26
N VAL B 250 -12.85 -36.41 15.23
CA VAL B 250 -12.49 -37.82 15.12
C VAL B 250 -11.60 -38.23 16.28
N ALA B 251 -10.61 -37.40 16.63
CA ALA B 251 -9.74 -37.72 17.75
C ALA B 251 -10.53 -37.81 19.06
N LEU B 252 -11.43 -36.84 19.29
CA LEU B 252 -12.22 -36.84 20.51
C LEU B 252 -13.07 -38.09 20.62
N ILE B 253 -13.82 -38.41 19.55
CA ILE B 253 -14.72 -39.57 19.61
C ILE B 253 -13.92 -40.87 19.66
N GLY B 254 -12.80 -40.94 18.95
CA GLY B 254 -12.01 -42.15 18.98
C GLY B 254 -11.42 -42.44 20.35
N PHE B 255 -10.87 -41.42 21.00
CA PHE B 255 -10.31 -41.64 22.33
C PHE B 255 -11.42 -41.86 23.37
N ALA B 256 -12.59 -41.24 23.19
CA ALA B 256 -13.71 -41.56 24.07
C ALA B 256 -14.15 -43.00 23.90
N GLY B 257 -14.18 -43.48 22.65
CA GLY B 257 -14.52 -44.87 22.42
C GLY B 257 -13.49 -45.82 22.99
N MET B 258 -12.21 -45.43 22.95
CA MET B 258 -11.17 -46.24 23.58
C MET B 258 -11.37 -46.28 25.10
N ALA B 259 -11.74 -45.15 25.70
CA ALA B 259 -12.05 -45.12 27.12
C ALA B 259 -13.23 -46.03 27.44
N VAL B 260 -14.26 -46.02 26.58
CA VAL B 260 -15.40 -46.90 26.77
C VAL B 260 -14.98 -48.36 26.66
N TRP B 261 -14.09 -48.67 25.73
CA TRP B 261 -13.61 -50.03 25.55
C TRP B 261 -12.87 -50.51 26.78
N LEU B 262 -12.00 -49.65 27.32
CA LEU B 262 -11.31 -49.98 28.57
C LEU B 262 -12.28 -50.11 29.73
N THR B 263 -13.36 -49.32 29.73
CA THR B 263 -14.34 -49.39 30.81
C THR B 263 -15.09 -50.71 30.79
N VAL B 264 -15.62 -51.08 29.62
CA VAL B 264 -16.37 -52.33 29.52
C VAL B 264 -15.46 -53.52 29.75
N ARG B 265 -14.21 -53.44 29.31
CA ARG B 265 -13.26 -54.52 29.63
C ARG B 265 -12.89 -54.56 31.11
N GLY B 266 -13.22 -53.52 31.89
CA GLY B 266 -12.99 -53.52 33.31
C GLY B 266 -11.68 -52.91 33.77
N GLN B 267 -10.92 -52.28 32.87
CA GLN B 267 -9.67 -51.66 33.28
C GLN B 267 -9.91 -50.35 34.01
N LEU B 268 -11.01 -49.65 33.71
CA LEU B 268 -11.34 -48.37 34.31
C LEU B 268 -12.74 -48.40 34.89
N GLY B 269 -12.95 -47.64 35.96
CA GLY B 269 -14.29 -47.41 36.47
C GLY B 269 -15.03 -46.38 35.65
N VAL B 270 -16.36 -46.36 35.83
CA VAL B 270 -17.18 -45.40 35.07
C VAL B 270 -16.86 -43.96 35.46
N PRO B 271 -16.74 -43.59 36.75
CA PRO B 271 -16.28 -42.23 37.05
C PRO B 271 -14.91 -41.92 36.47
N GLU B 272 -14.00 -42.88 36.47
CA GLU B 272 -12.68 -42.66 35.88
C GLU B 272 -12.81 -42.41 34.38
N ALA B 273 -13.68 -43.16 33.70
CA ALA B 273 -13.86 -42.95 32.26
C ALA B 273 -14.44 -41.58 31.98
N ILE B 274 -15.42 -41.15 32.78
CA ILE B 274 -16.01 -39.83 32.57
C ILE B 274 -14.97 -38.73 32.81
N ALA B 275 -14.18 -38.88 33.88
CA ALA B 275 -13.14 -37.89 34.15
C ALA B 275 -12.11 -37.85 33.05
N LEU B 276 -11.75 -39.01 32.50
CA LEU B 276 -10.80 -39.05 31.40
C LEU B 276 -11.38 -38.40 30.16
N ILE B 277 -12.68 -38.53 29.93
CA ILE B 277 -13.30 -37.85 28.78
C ILE B 277 -13.22 -36.34 28.96
N VAL B 278 -13.50 -35.85 30.18
CA VAL B 278 -13.42 -34.42 30.43
C VAL B 278 -11.99 -33.92 30.25
N VAL B 279 -11.02 -34.66 30.76
CA VAL B 279 -9.62 -34.28 30.58
C VAL B 279 -9.24 -34.36 29.11
N LEU B 280 -9.85 -35.26 28.35
CA LEU B 280 -9.63 -35.32 26.91
C LEU B 280 -10.07 -34.04 26.24
N VAL B 281 -11.24 -33.53 26.63
CA VAL B 281 -11.71 -32.26 26.08
C VAL B 281 -10.76 -31.14 26.46
N ARG B 282 -10.31 -31.13 27.73
CA ARG B 282 -9.33 -30.13 28.15
C ARG B 282 -8.03 -30.23 27.37
N TYR B 283 -7.65 -31.45 26.97
CA TYR B 283 -6.41 -31.69 26.25
C TYR B 283 -6.52 -31.26 24.79
N LEU B 284 -7.69 -31.42 24.17
CA LEU B 284 -7.90 -31.01 22.79
C LEU B 284 -8.30 -29.55 22.65
N GLU B 285 -8.67 -28.88 23.74
CA GLU B 285 -9.06 -27.47 23.63
C GLU B 285 -7.96 -26.55 23.11
N PRO B 286 -6.69 -26.64 23.56
CA PRO B 286 -5.70 -25.65 23.12
C PRO B 286 -5.45 -25.63 21.62
N PHE B 287 -5.64 -26.75 20.93
CA PHE B 287 -5.43 -26.76 19.49
C PHE B 287 -6.40 -25.84 18.78
N ALA B 288 -7.65 -25.78 19.26
CA ALA B 288 -8.60 -24.82 18.72
C ALA B 288 -8.12 -23.39 18.96
N ALA B 289 -7.50 -23.14 20.12
CA ALA B 289 -6.97 -21.81 20.39
C ALA B 289 -5.85 -21.45 19.43
N ILE B 290 -4.96 -22.40 19.13
CA ILE B 290 -3.88 -22.12 18.19
C ILE B 290 -4.45 -21.88 16.80
N ALA B 291 -5.45 -22.68 16.39
CA ALA B 291 -6.07 -22.45 15.10
C ALA B 291 -6.79 -21.11 15.05
N ASP B 292 -7.26 -20.61 16.19
CA ASP B 292 -7.92 -19.31 16.23
C ASP B 292 -6.93 -18.18 15.99
N LEU B 293 -5.67 -18.38 16.36
CA LEU B 293 -4.63 -17.36 16.21
C LEU B 293 -3.95 -17.39 14.84
N ALA B 294 -4.52 -18.11 13.86
CA ALA B 294 -3.92 -18.13 12.53
C ALA B 294 -3.85 -16.76 11.88
N PRO B 295 -4.94 -15.96 11.81
CA PRO B 295 -4.80 -14.66 11.14
C PRO B 295 -3.93 -13.68 11.89
N ALA B 296 -4.06 -13.62 13.22
CA ALA B 296 -3.21 -12.72 13.99
C ALA B 296 -1.74 -13.12 13.87
N LEU B 297 -1.46 -14.42 13.92
CA LEU B 297 -0.09 -14.88 13.77
C LEU B 297 0.45 -14.56 12.38
N GLU B 298 -0.37 -14.70 11.34
CA GLU B 298 0.07 -14.36 10.00
C GLU B 298 0.36 -12.88 9.87
N THR B 299 -0.51 -12.03 10.44
CA THR B 299 -0.29 -10.60 10.40
C THR B 299 0.98 -10.20 11.13
N THR B 300 1.21 -10.79 12.31
CA THR B 300 2.43 -10.48 13.04
C THR B 300 3.66 -10.98 12.32
N ARG B 301 3.59 -12.13 11.67
CA ARG B 301 4.72 -12.61 10.88
C ARG B 301 5.02 -11.66 9.73
N ALA B 302 3.97 -11.16 9.07
CA ALA B 302 4.19 -10.18 7.99
C ALA B 302 4.84 -8.91 8.52
N THR B 303 4.37 -8.42 9.66
CA THR B 303 4.95 -7.20 10.22
C THR B 303 6.40 -7.40 10.63
N LEU B 304 6.70 -8.54 11.26
CA LEU B 304 8.07 -8.83 11.64
C LEU B 304 8.96 -9.00 10.42
N ASN B 305 8.43 -9.58 9.34
CA ASN B 305 9.20 -9.68 8.11
C ASN B 305 9.51 -8.31 7.53
N ARG B 306 8.53 -7.39 7.56
CA ARG B 306 8.79 -6.04 7.07
C ARG B 306 9.85 -5.34 7.93
N ILE B 307 9.75 -5.49 9.26
CA ILE B 307 10.73 -4.85 10.14
C ILE B 307 12.12 -5.43 9.91
N GLN B 308 12.20 -6.75 9.71
CA GLN B 308 13.49 -7.38 9.45
C GLN B 308 14.06 -6.90 8.11
N ALA B 309 13.20 -6.75 7.11
CA ALA B 309 13.67 -6.27 5.80
C ALA B 309 14.22 -4.85 5.93
N VAL B 310 13.55 -4.00 6.68
CA VAL B 310 14.05 -2.64 6.89
C VAL B 310 15.36 -2.67 7.65
N LEU B 311 15.45 -3.46 8.72
CA LEU B 311 16.66 -3.50 9.53
C LEU B 311 17.83 -4.14 8.80
N ASP B 312 17.55 -5.06 7.87
CA ASP B 312 18.60 -5.75 7.12
C ASP B 312 19.00 -5.02 5.85
N ALA B 313 18.75 -3.72 5.76
CA ALA B 313 19.13 -2.97 4.57
C ALA B 313 20.65 -2.87 4.47
N PRO B 314 21.20 -2.74 3.26
CA PRO B 314 22.66 -2.72 3.11
C PRO B 314 23.23 -1.37 3.53
N THR B 315 23.89 -1.35 4.68
CA THR B 315 24.49 -0.12 5.19
C THR B 315 25.74 0.23 4.39
N LEU B 316 25.95 1.52 4.18
CA LEU B 316 27.16 1.99 3.51
C LEU B 316 28.35 1.91 4.47
N PRO B 317 29.57 1.84 3.94
CA PRO B 317 30.74 1.73 4.80
C PRO B 317 31.14 3.10 5.36
N ALA B 318 32.24 3.10 6.13
CA ALA B 318 32.77 4.32 6.73
C ALA B 318 34.30 4.27 6.67
N GLY B 319 34.91 5.45 6.85
CA GLY B 319 36.35 5.56 6.84
C GLY B 319 36.81 6.62 7.80
N ARG B 320 38.13 6.63 8.05
CA ARG B 320 38.72 7.54 9.03
C ARG B 320 39.27 8.81 8.39
N ARG B 321 39.81 8.72 7.18
CA ARG B 321 40.48 9.87 6.59
C ARG B 321 39.48 10.95 6.21
N ARG B 322 39.97 12.19 6.14
CA ARG B 322 39.15 13.37 5.91
C ARG B 322 39.83 14.27 4.90
N LEU B 323 39.03 15.13 4.28
CA LEU B 323 39.58 16.11 3.35
C LEU B 323 40.32 17.20 4.11
N ASP B 324 41.11 17.97 3.37
CA ASP B 324 41.82 19.09 3.97
C ASP B 324 40.83 20.14 4.46
N ARG B 325 41.14 20.75 5.60
CA ARG B 325 40.29 21.78 6.18
C ARG B 325 40.42 23.13 5.48
N THR B 326 41.35 23.26 4.52
CA THR B 326 41.53 24.53 3.83
C THR B 326 40.26 24.97 3.10
N GLY B 327 39.47 24.01 2.61
CA GLY B 327 38.23 24.35 1.93
C GLY B 327 38.40 24.81 0.50
N ALA B 328 39.58 24.67 -0.08
CA ALA B 328 39.79 25.06 -1.47
C ALA B 328 39.01 24.11 -2.39
N ALA B 329 38.94 24.50 -3.65
CA ALA B 329 38.17 23.72 -4.63
C ALA B 329 38.82 22.36 -4.83
N PRO B 330 38.14 21.24 -4.57
CA PRO B 330 38.76 19.94 -4.86
C PRO B 330 38.67 19.59 -6.35
N SER B 331 39.67 18.87 -6.81
CA SER B 331 39.71 18.35 -8.18
C SER B 331 39.14 16.94 -8.18
N ILE B 332 38.09 16.73 -8.99
CA ILE B 332 37.37 15.46 -9.02
C ILE B 332 37.85 14.64 -10.21
N GLU B 333 38.13 13.37 -9.96
CA GLU B 333 38.68 12.46 -10.97
C GLU B 333 37.84 11.19 -11.03
N PHE B 334 37.61 10.72 -12.24
CA PHE B 334 36.93 9.45 -12.51
C PHE B 334 37.86 8.55 -13.31
N ASP B 335 37.92 7.28 -12.93
CA ASP B 335 38.82 6.33 -13.58
C ASP B 335 38.20 4.94 -13.52
N ASP B 336 37.87 4.40 -14.69
CA ASP B 336 37.27 3.07 -14.81
C ASP B 336 35.98 2.96 -14.00
N VAL B 337 35.23 4.05 -13.91
CA VAL B 337 34.01 4.07 -13.11
C VAL B 337 32.90 3.37 -13.88
N ARG B 338 32.21 2.46 -13.21
CA ARG B 338 31.14 1.67 -13.81
C ARG B 338 29.97 1.60 -12.83
N PHE B 339 28.76 1.73 -13.36
CA PHE B 339 27.56 1.71 -12.54
C PHE B 339 26.38 1.26 -13.40
N SER B 340 25.42 0.59 -12.77
CA SER B 340 24.26 0.06 -13.47
C SER B 340 23.09 -0.03 -12.52
N TYR B 341 21.91 0.40 -12.98
CA TYR B 341 20.69 0.22 -12.21
C TYR B 341 20.19 -1.22 -12.23
N GLY B 342 20.71 -2.07 -13.10
CA GLY B 342 20.21 -3.42 -13.24
C GLY B 342 20.71 -4.08 -14.52
N ASP B 343 19.79 -4.65 -15.30
CA ASP B 343 20.17 -5.26 -16.56
C ASP B 343 20.80 -4.24 -17.51
N GLU B 344 20.36 -2.99 -17.45
CA GLU B 344 20.91 -1.93 -18.29
C GLU B 344 22.08 -1.26 -17.58
N VAL B 345 23.13 -0.98 -18.34
CA VAL B 345 24.32 -0.29 -17.81
C VAL B 345 24.13 1.20 -17.97
N VAL B 346 24.37 1.95 -16.89
CA VAL B 346 24.18 3.39 -16.87
C VAL B 346 25.52 4.09 -17.12
N LEU B 347 26.60 3.47 -16.65
CA LEU B 347 27.95 3.95 -16.91
C LEU B 347 28.83 2.78 -17.30
N ASP B 348 29.64 2.96 -18.34
CA ASP B 348 30.52 1.92 -18.87
C ASP B 348 31.93 2.51 -19.00
N GLY B 349 32.70 2.41 -17.91
CA GLY B 349 34.07 2.87 -17.94
C GLY B 349 34.24 4.36 -18.19
N VAL B 350 33.40 5.17 -17.57
CA VAL B 350 33.54 6.62 -17.69
C VAL B 350 34.76 7.07 -16.88
N SER B 351 35.59 7.90 -17.49
CA SER B 351 36.80 8.41 -16.85
C SER B 351 37.05 9.84 -17.31
N PHE B 352 37.29 10.73 -16.34
CA PHE B 352 37.57 12.13 -16.64
C PHE B 352 38.19 12.75 -15.40
N THR B 353 38.71 13.97 -15.56
CA THR B 353 39.27 14.74 -14.46
C THR B 353 38.79 16.18 -14.59
N LEU B 354 38.35 16.75 -13.47
CA LEU B 354 37.84 18.11 -13.41
C LEU B 354 38.86 19.00 -12.71
N ARG B 355 39.24 20.09 -13.36
CA ARG B 355 40.19 21.00 -12.76
C ARG B 355 39.57 21.67 -11.54
N PRO B 356 40.37 22.07 -10.55
CA PRO B 356 39.79 22.68 -9.34
C PRO B 356 39.24 24.07 -9.64
N GLY B 357 37.98 24.28 -9.30
CA GLY B 357 37.34 25.57 -9.47
C GLY B 357 36.75 25.82 -10.85
N ASN B 358 36.94 24.91 -11.80
CA ASN B 358 36.41 25.06 -13.15
C ASN B 358 35.05 24.40 -13.25
N THR B 359 34.06 25.13 -13.76
CA THR B 359 32.74 24.57 -13.96
C THR B 359 32.80 23.45 -14.99
N THR B 360 31.97 22.42 -14.76
CA THR B 360 31.84 21.30 -15.69
C THR B 360 30.37 21.08 -15.99
N ALA B 361 30.04 20.98 -17.27
CA ALA B 361 28.69 20.76 -17.73
C ALA B 361 28.55 19.35 -18.28
N ILE B 362 27.59 18.61 -17.75
CA ILE B 362 27.30 17.23 -18.15
C ILE B 362 25.99 17.24 -18.91
N VAL B 363 26.04 16.90 -20.21
CA VAL B 363 24.88 16.93 -21.08
C VAL B 363 24.88 15.68 -21.94
N GLY B 364 23.69 15.32 -22.43
CA GLY B 364 23.54 14.24 -23.37
C GLY B 364 22.19 13.54 -23.24
N PRO B 365 21.82 12.72 -24.22
CA PRO B 365 20.51 12.03 -24.15
C PRO B 365 20.37 11.10 -22.96
N SER B 366 21.47 10.56 -22.44
CA SER B 366 21.38 9.57 -21.37
C SER B 366 20.96 10.23 -20.06
N GLY B 367 19.65 10.33 -19.83
CA GLY B 367 19.16 11.06 -18.68
C GLY B 367 19.61 10.46 -17.36
N SER B 368 19.60 9.14 -17.25
CA SER B 368 20.02 8.50 -16.01
C SER B 368 21.49 8.72 -15.72
N GLY B 369 22.34 8.68 -16.75
CA GLY B 369 23.78 8.77 -16.52
C GLY B 369 24.21 10.12 -15.97
N LYS B 370 23.60 11.20 -16.46
CA LYS B 370 23.98 12.53 -16.00
C LYS B 370 23.71 12.69 -14.50
N THR B 371 22.56 12.24 -14.03
CA THR B 371 22.26 12.29 -12.61
C THR B 371 23.10 11.27 -11.83
N THR B 372 23.41 10.14 -12.45
CA THR B 372 24.21 9.12 -11.78
C THR B 372 25.62 9.63 -11.49
N ILE B 373 26.18 10.43 -12.41
CA ILE B 373 27.51 10.98 -12.18
C ILE B 373 27.49 11.90 -10.96
N LEU B 374 26.48 12.75 -10.85
CA LEU B 374 26.38 13.63 -9.69
C LEU B 374 26.18 12.83 -8.41
N SER B 375 25.37 11.77 -8.47
CA SER B 375 25.16 10.95 -7.29
C SER B 375 26.45 10.27 -6.85
N LEU B 376 27.24 9.77 -7.81
CA LEU B 376 28.52 9.16 -7.47
C LEU B 376 29.47 10.18 -6.86
N ILE B 377 29.49 11.40 -7.40
CA ILE B 377 30.34 12.44 -6.84
C ILE B 377 29.91 12.75 -5.40
N ALA B 378 28.60 12.85 -5.18
CA ALA B 378 28.09 13.18 -3.85
C ALA B 378 28.22 12.03 -2.86
N GLY B 379 28.48 10.82 -3.34
CA GLY B 379 28.63 9.66 -2.47
C GLY B 379 27.34 8.96 -2.08
N LEU B 380 26.19 9.39 -2.62
CA LEU B 380 24.94 8.71 -2.29
C LEU B 380 24.97 7.27 -2.78
N GLN B 381 25.49 7.04 -3.97
CA GLN B 381 25.56 5.71 -4.58
C GLN B 381 27.01 5.41 -4.94
N GLN B 382 27.54 4.31 -4.42
CA GLN B 382 28.91 3.94 -4.69
C GLN B 382 29.02 3.33 -6.10
N PRO B 383 30.20 3.40 -6.71
CA PRO B 383 30.35 2.80 -8.05
C PRO B 383 30.57 1.30 -7.96
N ALA B 384 30.02 0.58 -8.94
CA ALA B 384 30.22 -0.87 -8.99
C ALA B 384 31.69 -1.19 -9.19
N SER B 385 32.38 -0.44 -10.06
CA SER B 385 33.80 -0.61 -10.30
C SER B 385 34.44 0.76 -10.43
N GLY B 386 35.76 0.80 -10.28
CA GLY B 386 36.49 2.05 -10.37
C GLY B 386 36.47 2.82 -9.06
N ARG B 387 36.98 4.04 -9.14
CA ARG B 387 37.16 4.90 -7.97
C ARG B 387 36.68 6.31 -8.27
N VAL B 388 36.27 7.02 -7.22
CA VAL B 388 35.90 8.42 -7.27
C VAL B 388 36.80 9.17 -6.30
N LEU B 389 37.49 10.20 -6.79
CA LEU B 389 38.57 10.84 -6.07
C LEU B 389 38.27 12.32 -5.83
N LEU B 390 38.79 12.82 -4.71
CA LEU B 390 38.72 14.25 -4.37
C LEU B 390 40.06 14.61 -3.74
N ASP B 391 40.98 15.14 -4.55
CA ASP B 391 42.32 15.52 -4.10
C ASP B 391 43.05 14.33 -3.48
N GLY B 392 43.01 13.19 -4.16
CA GLY B 392 43.70 12.01 -3.69
C GLY B 392 43.03 11.31 -2.53
N VAL B 393 41.73 11.54 -2.32
CA VAL B 393 40.97 10.89 -1.26
C VAL B 393 39.76 10.23 -1.89
N ASP B 394 39.60 8.93 -1.64
CA ASP B 394 38.49 8.17 -2.21
C ASP B 394 37.24 8.40 -1.38
N VAL B 395 36.11 8.56 -2.08
CA VAL B 395 34.85 8.82 -1.39
C VAL B 395 34.43 7.61 -0.57
N THR B 396 34.71 6.41 -1.05
CA THR B 396 34.34 5.20 -0.32
C THR B 396 35.06 5.12 1.03
N THR B 397 36.30 5.61 1.09
CA THR B 397 37.09 5.61 2.31
C THR B 397 36.96 6.92 3.09
N LEU B 398 36.08 7.82 2.67
CA LEU B 398 35.99 9.14 3.29
C LEU B 398 35.14 9.09 4.55
N ASP B 399 35.46 9.97 5.48
CA ASP B 399 34.69 10.09 6.71
C ASP B 399 33.25 10.51 6.37
N PRO B 400 32.22 9.88 6.96
CA PRO B 400 30.85 10.37 6.68
C PRO B 400 30.62 11.83 7.00
N GLU B 401 31.22 12.35 8.08
CA GLU B 401 31.08 13.78 8.35
C GLU B 401 31.80 14.62 7.30
N ALA B 402 33.00 14.21 6.91
CA ALA B 402 33.71 14.92 5.85
C ALA B 402 32.96 14.83 4.53
N ARG B 403 32.38 13.67 4.24
CA ARG B 403 31.58 13.53 3.03
C ARG B 403 30.38 14.46 3.07
N ARG B 404 29.72 14.56 4.23
CA ARG B 404 28.58 15.45 4.36
C ARG B 404 28.98 16.91 4.16
N ALA B 405 30.13 17.29 4.71
CA ALA B 405 30.60 18.67 4.57
C ALA B 405 31.30 18.94 3.24
N ALA B 406 31.53 17.91 2.41
CA ALA B 406 32.31 18.11 1.20
C ALA B 406 31.45 18.63 0.05
N VAL B 407 30.24 18.11 -0.11
CA VAL B 407 29.44 18.31 -1.32
C VAL B 407 28.14 19.00 -0.97
N SER B 408 27.76 19.97 -1.79
CA SER B 408 26.45 20.61 -1.75
C SER B 408 25.73 20.30 -3.05
N VAL B 409 24.43 20.05 -2.97
CA VAL B 409 23.64 19.54 -4.08
C VAL B 409 22.38 20.38 -4.25
N VAL B 410 22.02 20.65 -5.49
CA VAL B 410 20.71 21.19 -5.85
C VAL B 410 19.96 20.06 -6.55
N PHE B 411 19.11 19.38 -5.81
CA PHE B 411 18.43 18.21 -6.35
C PHE B 411 17.40 18.62 -7.40
N GLN B 412 16.96 17.64 -8.17
CA GLN B 412 15.92 17.89 -9.19
C GLN B 412 14.65 18.40 -8.53
N HIS B 413 14.17 17.69 -7.51
CA HIS B 413 13.07 18.20 -6.71
C HIS B 413 13.61 19.20 -5.67
N PRO B 414 12.82 20.21 -5.28
CA PRO B 414 13.32 21.11 -4.22
C PRO B 414 13.55 20.41 -2.89
N TYR B 415 12.72 19.43 -2.54
CA TYR B 415 12.79 18.73 -1.25
C TYR B 415 12.70 19.73 -0.09
N LEU B 416 11.54 20.38 0.01
CA LEU B 416 11.25 21.28 1.12
C LEU B 416 10.50 20.52 2.22
N PHE B 417 10.04 21.23 3.24
CA PHE B 417 9.29 20.63 4.33
C PHE B 417 8.44 21.70 4.99
N ASP B 418 7.55 21.26 5.87
CA ASP B 418 6.66 22.18 6.58
C ASP B 418 7.47 23.08 7.51
N GLY B 419 7.41 24.37 7.26
CA GLY B 419 8.14 25.33 8.07
C GLY B 419 8.29 26.65 7.34
N THR B 420 9.01 27.56 8.00
CA THR B 420 9.25 28.86 7.41
C THR B 420 10.27 28.76 6.28
N LEU B 421 10.21 29.72 5.37
CA LEU B 421 11.14 29.75 4.25
C LEU B 421 12.57 29.91 4.73
N ARG B 422 12.78 30.76 5.74
CA ARG B 422 14.12 30.92 6.31
C ARG B 422 14.58 29.62 6.96
N ASP B 423 13.66 28.88 7.60
CA ASP B 423 14.02 27.59 8.16
C ASP B 423 14.45 26.61 7.07
N ASN B 424 13.73 26.60 5.95
CA ASN B 424 14.11 25.73 4.84
C ASN B 424 15.49 26.11 4.30
N VAL B 425 15.74 27.40 4.11
CA VAL B 425 17.04 27.81 3.59
C VAL B 425 18.13 27.63 4.64
N LEU B 426 17.81 27.81 5.92
CA LEU B 426 18.84 27.73 6.96
C LEU B 426 19.34 26.31 7.18
N VAL B 427 18.58 25.28 6.78
CA VAL B 427 18.99 23.91 7.06
C VAL B 427 20.28 23.55 6.34
N GLY B 428 20.62 24.25 5.26
CA GLY B 428 21.89 24.00 4.61
C GLY B 428 23.07 24.32 5.50
N ASP B 429 22.94 25.37 6.32
CA ASP B 429 23.97 25.73 7.29
C ASP B 429 23.34 26.59 8.38
N PRO B 430 22.75 26.00 9.42
CA PRO B 430 22.09 26.83 10.45
C PRO B 430 23.03 27.76 11.20
N GLU B 431 24.34 27.48 11.21
CA GLU B 431 25.30 28.28 11.95
C GLU B 431 25.69 29.57 11.24
N ALA B 432 25.23 29.77 10.00
CA ALA B 432 25.62 30.95 9.25
C ALA B 432 25.03 32.21 9.88
N ASP B 433 25.78 33.31 9.78
CA ASP B 433 25.33 34.58 10.30
C ASP B 433 24.25 35.15 9.38
N PRO B 434 23.46 36.14 9.85
CA PRO B 434 22.41 36.70 9.00
C PRO B 434 22.91 37.31 7.71
N ASP B 435 24.12 37.89 7.70
CA ASP B 435 24.65 38.48 6.47
C ASP B 435 24.88 37.41 5.41
N ASP B 436 25.42 36.25 5.81
CA ASP B 436 25.62 35.17 4.86
C ASP B 436 24.30 34.64 4.32
N VAL B 437 23.29 34.54 5.19
CA VAL B 437 21.97 34.11 4.75
C VAL B 437 21.39 35.11 3.74
N THR B 438 21.55 36.40 4.03
CA THR B 438 21.07 37.42 3.09
C THR B 438 21.79 37.33 1.76
N ALA B 439 23.11 37.08 1.79
CA ALA B 439 23.86 36.92 0.54
C ALA B 439 23.37 35.71 -0.24
N ALA B 440 23.10 34.60 0.46
CA ALA B 440 22.58 33.42 -0.22
C ALA B 440 21.22 33.70 -0.84
N MET B 441 20.36 34.43 -0.13
CA MET B 441 19.06 34.80 -0.68
C MET B 441 19.22 35.68 -1.91
N ARG B 442 20.16 36.63 -1.86
CA ARG B 442 20.38 37.52 -3.00
C ARG B 442 20.86 36.74 -4.22
N LEU B 443 21.88 35.90 -4.05
CA LEU B 443 22.40 35.14 -5.18
C LEU B 443 21.36 34.17 -5.73
N ALA B 444 20.51 33.62 -4.87
CA ALA B 444 19.46 32.72 -5.28
C ALA B 444 18.19 33.44 -5.73
N ARG B 445 18.19 34.77 -5.77
CA ARG B 445 17.04 35.56 -6.23
C ARG B 445 15.81 35.31 -5.37
N VAL B 446 16.02 35.03 -4.08
CA VAL B 446 14.89 34.83 -3.17
C VAL B 446 14.32 36.14 -2.67
N ASP B 447 15.08 37.24 -2.74
CA ASP B 447 14.56 38.53 -2.29
C ASP B 447 13.35 38.95 -3.10
N GLU B 448 13.34 38.64 -4.40
CA GLU B 448 12.15 38.91 -5.21
C GLU B 448 10.95 38.12 -4.70
N LEU B 449 11.18 36.86 -4.31
CA LEU B 449 10.09 36.07 -3.75
C LEU B 449 9.60 36.65 -2.42
N LEU B 450 10.53 37.12 -1.57
CA LEU B 450 10.13 37.76 -0.33
C LEU B 450 9.30 39.02 -0.60
N ASP B 451 9.67 39.78 -1.63
CA ASP B 451 8.85 40.91 -2.04
C ASP B 451 7.47 40.45 -2.47
N ARG B 452 7.41 39.35 -3.24
CA ARG B 452 6.12 38.79 -3.62
C ARG B 452 5.35 38.29 -2.41
N LEU B 453 6.03 37.61 -1.49
CA LEU B 453 5.36 37.04 -0.33
C LEU B 453 4.97 38.16 0.65
N PRO B 454 3.90 37.97 1.44
CA PRO B 454 3.46 39.05 2.33
C PRO B 454 4.35 39.25 3.55
N ASP B 455 4.74 38.15 4.20
CA ASP B 455 5.44 38.19 5.48
C ASP B 455 6.94 38.01 5.33
N GLY B 456 7.48 38.08 4.12
CA GLY B 456 8.91 37.95 3.95
C GLY B 456 9.40 36.53 4.18
N ASP B 457 10.67 36.43 4.59
CA ASP B 457 11.30 35.12 4.76
C ASP B 457 10.69 34.31 5.89
N ALA B 458 9.98 34.95 6.81
CA ALA B 458 9.31 34.24 7.90
C ALA B 458 8.04 33.52 7.45
N THR B 459 7.62 33.69 6.19
CA THR B 459 6.39 33.07 5.72
C THR B 459 6.49 31.56 5.78
N VAL B 460 5.40 30.92 6.21
CA VAL B 460 5.32 29.47 6.21
C VAL B 460 5.10 28.99 4.78
N VAL B 461 5.94 28.05 4.34
CA VAL B 461 5.93 27.56 2.96
C VAL B 461 6.00 26.04 2.97
N GLY B 462 5.65 25.45 1.83
CA GLY B 462 5.68 24.02 1.67
C GLY B 462 4.34 23.35 1.93
N GLU B 463 4.30 22.48 2.93
CA GLU B 463 3.07 21.76 3.25
C GLU B 463 1.97 22.65 3.82
N GLY B 464 2.30 23.88 4.24
CA GLY B 464 1.32 24.79 4.80
C GLY B 464 1.65 26.21 4.41
N GLY B 465 0.77 27.12 4.81
CA GLY B 465 0.95 28.52 4.45
C GLY B 465 0.86 28.72 2.95
N THR B 466 1.84 29.40 2.39
CA THR B 466 1.86 29.68 0.96
C THR B 466 2.41 28.47 0.21
N ALA B 467 1.64 27.98 -0.77
CA ALA B 467 2.06 26.85 -1.60
C ALA B 467 2.90 27.39 -2.75
N LEU B 468 4.21 27.41 -2.53
CA LEU B 468 5.13 27.93 -3.53
C LEU B 468 5.11 27.07 -4.80
N SER B 469 5.27 27.73 -5.94
CA SER B 469 5.30 27.04 -7.22
C SER B 469 6.70 26.47 -7.47
N GLY B 470 6.87 25.83 -8.62
CA GLY B 470 8.16 25.21 -8.93
C GLY B 470 9.28 26.23 -9.05
N GLY B 471 9.01 27.34 -9.74
CA GLY B 471 10.04 28.35 -9.94
C GLY B 471 10.50 29.02 -8.65
N GLU B 472 9.69 28.96 -7.60
CA GLU B 472 10.05 29.51 -6.30
C GLU B 472 10.75 28.49 -5.42
N ARG B 473 10.24 27.26 -5.38
CA ARG B 473 10.87 26.23 -4.56
C ARG B 473 12.24 25.86 -5.11
N GLN B 474 12.43 25.91 -6.43
CA GLN B 474 13.76 25.70 -6.99
C GLN B 474 14.73 26.79 -6.53
N ARG B 475 14.27 28.04 -6.48
CA ARG B 475 15.11 29.11 -5.96
C ARG B 475 15.44 28.89 -4.49
N VAL B 476 14.47 28.40 -3.72
CA VAL B 476 14.73 28.11 -2.31
C VAL B 476 15.80 27.02 -2.18
N SER B 477 15.71 25.98 -3.02
CA SER B 477 16.72 24.92 -2.98
C SER B 477 18.09 25.45 -3.39
N ILE B 478 18.13 26.36 -4.38
CA ILE B 478 19.41 26.94 -4.78
C ILE B 478 19.97 27.78 -3.64
N ALA B 479 19.11 28.48 -2.90
CA ALA B 479 19.56 29.21 -1.72
C ALA B 479 20.14 28.26 -0.67
N ARG B 480 19.48 27.12 -0.46
CA ARG B 480 20.01 26.10 0.43
C ARG B 480 21.41 25.69 0.02
N ALA B 481 21.59 25.35 -1.26
CA ALA B 481 22.89 24.88 -1.72
C ALA B 481 23.96 25.97 -1.60
N LEU B 482 23.61 27.21 -1.94
CA LEU B 482 24.59 28.30 -1.87
C LEU B 482 24.98 28.61 -0.43
N LEU B 483 24.03 28.52 0.50
CA LEU B 483 24.32 28.86 1.89
C LEU B 483 25.34 27.91 2.48
N LYS B 484 25.24 26.63 2.16
CA LYS B 484 26.20 25.66 2.68
C LYS B 484 27.58 25.96 2.12
N PRO B 485 28.65 26.10 2.97
CA PRO B 485 29.99 26.38 2.46
C PRO B 485 30.75 25.14 2.02
N ALA B 486 30.11 24.31 1.20
CA ALA B 486 30.74 23.08 0.76
C ALA B 486 31.87 23.39 -0.23
N PRO B 487 32.98 22.64 -0.21
CA PRO B 487 33.98 22.81 -1.28
C PRO B 487 33.50 22.44 -2.67
N VAL B 488 32.42 21.67 -2.79
CA VAL B 488 31.92 21.20 -4.08
C VAL B 488 30.42 21.48 -4.16
N LEU B 489 29.98 21.97 -5.32
CA LEU B 489 28.57 22.24 -5.60
C LEU B 489 28.14 21.41 -6.79
N LEU B 490 27.03 20.68 -6.65
CA LEU B 490 26.46 19.87 -7.71
C LEU B 490 25.08 20.40 -8.05
N VAL B 491 24.84 20.70 -9.32
CA VAL B 491 23.59 21.28 -9.79
C VAL B 491 22.94 20.29 -10.75
N ASP B 492 21.66 19.99 -10.50
CA ASP B 492 20.86 19.13 -11.37
C ASP B 492 19.60 19.90 -11.75
N GLU B 493 19.52 20.30 -13.01
CA GLU B 493 18.40 21.11 -13.49
C GLU B 493 17.28 20.19 -13.97
N ALA B 494 16.14 20.27 -13.28
CA ALA B 494 14.90 19.63 -13.68
C ALA B 494 13.74 20.61 -13.54
N THR B 495 14.01 21.87 -13.86
CA THR B 495 13.08 22.96 -13.61
C THR B 495 12.00 23.00 -14.68
N SER B 496 10.80 23.40 -14.28
CA SER B 496 9.73 23.62 -15.23
C SER B 496 10.12 24.73 -16.20
N ALA B 497 9.87 24.50 -17.49
CA ALA B 497 10.32 25.43 -18.52
C ALA B 497 9.59 26.77 -18.49
N LEU B 498 8.49 26.89 -17.74
CA LEU B 498 7.73 28.13 -17.70
C LEU B 498 8.39 29.21 -16.85
N ASP B 499 9.31 28.85 -15.96
CA ASP B 499 9.94 29.84 -15.09
C ASP B 499 10.85 30.77 -15.88
N ASN B 500 11.03 31.99 -15.36
CA ASN B 500 11.84 33.02 -16.00
C ASN B 500 13.05 33.39 -15.16
N ALA B 501 12.87 33.78 -13.90
CA ALA B 501 13.96 34.21 -13.05
C ALA B 501 14.79 33.06 -12.50
N ASN B 502 14.28 31.83 -12.55
CA ASN B 502 15.01 30.69 -12.01
C ASN B 502 16.31 30.45 -12.78
N GLU B 503 16.26 30.62 -14.10
CA GLU B 503 17.48 30.51 -14.90
C GLU B 503 18.50 31.56 -14.51
N ALA B 504 18.03 32.79 -14.26
CA ALA B 504 18.94 33.84 -13.80
C ALA B 504 19.55 33.48 -12.46
N ALA B 505 18.75 32.90 -11.56
CA ALA B 505 19.28 32.48 -10.26
C ALA B 505 20.35 31.40 -10.43
N VAL B 506 20.12 30.43 -11.32
CA VAL B 506 21.11 29.38 -11.56
C VAL B 506 22.38 29.98 -12.14
N VAL B 507 22.25 30.92 -13.08
CA VAL B 507 23.43 31.54 -13.67
C VAL B 507 24.21 32.31 -12.61
N ASP B 508 23.51 33.03 -11.73
CA ASP B 508 24.19 33.75 -10.66
C ASP B 508 24.91 32.79 -9.72
N ALA B 509 24.26 31.68 -9.39
CA ALA B 509 24.90 30.68 -8.52
C ALA B 509 26.15 30.10 -9.18
N LEU B 510 26.10 29.90 -10.49
CA LEU B 510 27.25 29.33 -11.19
C LEU B 510 28.40 30.33 -11.28
N THR B 511 28.10 31.59 -11.61
CA THR B 511 29.11 32.59 -11.92
C THR B 511 29.36 33.57 -10.79
N ALA B 512 28.31 34.13 -10.19
CA ALA B 512 28.44 35.20 -9.22
C ALA B 512 28.71 34.72 -7.81
N ASP B 513 28.95 33.44 -7.60
CA ASP B 513 29.23 32.93 -6.26
C ASP B 513 30.66 33.30 -5.86
N PRO B 514 30.88 34.00 -4.74
CA PRO B 514 32.27 34.30 -4.34
C PRO B 514 33.03 33.09 -3.81
N ARG B 515 32.35 32.00 -3.47
CA ARG B 515 33.03 30.86 -2.88
C ARG B 515 33.84 30.14 -3.96
N PRO B 516 35.17 29.93 -3.77
CA PRO B 516 35.93 29.20 -4.82
C PRO B 516 35.79 27.68 -4.71
N ARG B 517 34.72 27.15 -5.30
CA ARG B 517 34.38 25.74 -5.23
C ARG B 517 34.17 25.19 -6.63
N THR B 518 34.68 23.97 -6.86
CA THR B 518 34.44 23.28 -8.12
C THR B 518 32.95 22.98 -8.28
N ARG B 519 32.44 23.17 -9.49
CA ARG B 519 31.02 23.05 -9.78
C ARG B 519 30.81 22.09 -10.94
N VAL B 520 29.90 21.13 -10.74
CA VAL B 520 29.47 20.21 -11.78
C VAL B 520 27.97 20.40 -11.93
N ILE B 521 27.53 20.68 -13.15
CA ILE B 521 26.13 21.01 -13.44
C ILE B 521 25.61 20.08 -14.52
N VAL B 522 24.47 19.45 -14.24
CA VAL B 522 23.72 18.68 -15.21
C VAL B 522 22.59 19.57 -15.71
N ALA B 523 22.74 20.11 -16.92
CA ALA B 523 21.85 21.16 -17.43
C ALA B 523 21.41 20.82 -18.85
N HIS B 524 20.22 21.34 -19.19
CA HIS B 524 19.66 21.20 -20.53
C HIS B 524 19.47 22.54 -21.24
N ARG B 525 19.56 23.66 -20.53
CA ARG B 525 19.23 24.97 -21.07
C ARG B 525 20.49 25.74 -21.43
N LEU B 526 20.35 26.60 -22.44
CA LEU B 526 21.52 27.26 -23.04
C LEU B 526 22.24 28.16 -22.05
N ALA B 527 21.48 28.93 -21.26
CA ALA B 527 22.08 29.97 -20.43
C ALA B 527 23.03 29.37 -19.40
N SER B 528 22.65 28.26 -18.78
CA SER B 528 23.46 27.68 -17.71
C SER B 528 24.78 27.15 -18.24
N ILE B 529 24.76 26.43 -19.38
CA ILE B 529 25.97 25.82 -19.92
C ILE B 529 26.78 26.77 -20.79
N ARG B 530 26.24 27.95 -21.12
CA ARG B 530 27.04 28.92 -21.86
C ARG B 530 28.22 29.40 -21.01
N HIS B 531 28.06 29.44 -19.69
CA HIS B 531 29.12 29.88 -18.78
C HIS B 531 30.05 28.77 -18.34
N ALA B 532 29.76 27.52 -18.68
CA ALA B 532 30.61 26.41 -18.26
C ALA B 532 31.97 26.48 -18.92
N ASP B 533 33.02 26.18 -18.15
CA ASP B 533 34.38 26.22 -18.69
C ASP B 533 34.68 25.01 -19.56
N ARG B 534 34.13 23.85 -19.23
CA ARG B 534 34.30 22.63 -20.00
C ARG B 534 33.02 21.82 -19.94
N VAL B 535 32.84 20.95 -20.95
CA VAL B 535 31.62 20.19 -21.12
C VAL B 535 31.98 18.73 -21.34
N LEU B 536 31.21 17.84 -20.72
CA LEU B 536 31.30 16.40 -20.92
C LEU B 536 30.00 15.92 -21.56
N PHE B 537 30.12 15.29 -22.72
CA PHE B 537 28.96 14.78 -23.46
C PHE B 537 28.81 13.30 -23.15
N VAL B 538 27.88 12.98 -22.27
CA VAL B 538 27.66 11.61 -21.80
C VAL B 538 26.53 11.01 -22.63
N GLU B 539 26.86 9.98 -23.42
CA GLU B 539 25.88 9.27 -24.22
C GLU B 539 26.20 7.79 -24.19
N ALA B 540 25.14 6.96 -24.08
CA ALA B 540 25.29 5.51 -24.02
C ALA B 540 26.18 5.08 -22.85
N GLY B 541 26.09 5.81 -21.75
CA GLY B 541 26.84 5.46 -20.56
C GLY B 541 28.33 5.66 -20.68
N ARG B 542 28.78 6.53 -21.57
CA ARG B 542 30.20 6.83 -21.71
C ARG B 542 30.36 8.23 -22.28
N VAL B 543 31.54 8.80 -22.04
CA VAL B 543 31.85 10.14 -22.52
C VAL B 543 32.25 10.06 -23.98
N VAL B 544 31.52 10.76 -24.83
CA VAL B 544 31.81 10.80 -26.26
C VAL B 544 32.64 12.02 -26.64
N GLU B 545 32.37 13.16 -26.02
CA GLU B 545 33.10 14.39 -26.25
C GLU B 545 33.55 14.99 -24.92
N ASP B 546 34.66 15.72 -24.96
CA ASP B 546 35.20 16.36 -23.76
C ASP B 546 36.06 17.53 -24.20
N GLY B 547 35.69 18.73 -23.79
CA GLY B 547 36.47 19.91 -24.14
C GLY B 547 35.70 21.17 -23.80
N ALA B 548 36.24 22.29 -24.26
CA ALA B 548 35.63 23.59 -24.01
C ALA B 548 34.45 23.80 -24.95
N ILE B 549 33.72 24.89 -24.70
CA ILE B 549 32.57 25.23 -25.54
C ILE B 549 33.02 25.54 -26.96
N ASP B 550 33.93 26.50 -27.10
CA ASP B 550 34.34 26.95 -28.43
C ASP B 550 35.06 25.83 -29.19
N GLU B 551 35.89 25.06 -28.50
CA GLU B 551 36.60 23.95 -29.16
C GLU B 551 35.61 22.93 -29.71
N LEU B 552 34.62 22.55 -28.90
CA LEU B 552 33.64 21.57 -29.35
C LEU B 552 32.81 22.12 -30.51
N LEU B 553 32.41 23.40 -30.43
CA LEU B 553 31.63 23.99 -31.52
C LEU B 553 32.45 24.04 -32.81
N ALA B 554 33.73 24.40 -32.72
CA ALA B 554 34.57 24.42 -33.91
C ALA B 554 34.76 23.01 -34.47
N ALA B 555 34.90 22.02 -33.59
CA ALA B 555 35.09 20.64 -34.06
C ALA B 555 33.87 20.13 -34.82
N GLY B 556 32.69 20.64 -34.50
CA GLY B 556 31.49 20.21 -35.18
C GLY B 556 31.04 18.80 -34.86
N GLY B 557 31.43 18.28 -33.71
CA GLY B 557 31.04 16.93 -33.32
C GLY B 557 29.60 16.84 -32.90
N ARG B 558 29.29 15.88 -32.03
CA ARG B 558 27.91 15.72 -31.56
C ARG B 558 27.46 16.92 -30.73
N PHE B 559 28.37 17.55 -29.99
CA PHE B 559 27.97 18.67 -29.15
C PHE B 559 27.50 19.85 -29.99
N ALA B 560 28.09 20.06 -31.17
CA ALA B 560 27.60 21.12 -32.05
C ALA B 560 26.17 20.87 -32.50
N GLN B 561 25.86 19.62 -32.85
CA GLN B 561 24.50 19.27 -33.24
C GLN B 561 23.54 19.44 -32.07
N PHE B 562 23.96 19.05 -30.87
CA PHE B 562 23.13 19.26 -29.69
C PHE B 562 22.89 20.74 -29.43
N TRP B 563 23.93 21.56 -29.61
CA TRP B 563 23.80 23.00 -29.42
C TRP B 563 22.81 23.58 -30.41
N ALA B 564 22.90 23.17 -31.68
CA ALA B 564 21.97 23.66 -32.69
C ALA B 564 20.55 23.23 -32.36
N GLN B 565 20.37 21.99 -31.94
CA GLN B 565 19.03 21.50 -31.59
C GLN B 565 18.45 22.28 -30.43
N GLN B 566 19.23 22.52 -29.38
CA GLN B 566 18.72 23.24 -28.23
C GLN B 566 18.43 24.69 -28.57
N GLN B 567 19.29 25.32 -29.38
CA GLN B 567 19.05 26.71 -29.78
C GLN B 567 17.77 26.82 -30.60
N ALA B 568 17.54 25.86 -31.50
CA ALA B 568 16.28 25.85 -32.24
C ALA B 568 15.09 25.61 -31.33
N ALA B 569 15.24 24.72 -30.34
CA ALA B 569 14.14 24.42 -29.44
C ALA B 569 13.77 25.61 -28.58
N SER B 570 14.75 26.45 -28.24
CA SER B 570 14.46 27.62 -27.43
C SER B 570 13.52 28.58 -28.13
N GLU B 571 13.69 28.78 -29.44
CA GLU B 571 12.88 29.71 -30.22
C GLU B 571 11.66 29.06 -30.85
N TRP B 572 11.15 27.98 -30.24
CA TRP B 572 10.03 27.26 -30.83
C TRP B 572 8.75 28.10 -30.75
N ALA B 573 7.94 28.01 -31.80
CA ALA B 573 6.65 28.69 -31.86
C ALA B 573 5.71 27.86 -32.70
N ILE B 574 4.50 27.63 -32.21
CA ILE B 574 3.54 26.78 -32.91
C ILE B 574 2.97 27.54 -34.10
N GLY B 575 2.79 26.86 -35.23
CA GLY B 575 2.26 27.48 -36.41
C GLY B 575 3.25 28.30 -37.20
N SER B 576 4.54 28.02 -37.06
CA SER B 576 5.58 28.77 -37.76
C SER B 576 6.76 27.84 -38.03
N THR B 577 7.61 28.27 -38.96
CA THR B 577 8.79 27.49 -39.33
C THR B 577 9.74 27.36 -38.14
ZN ZN C . -12.95 -18.68 -1.47
#